data_7X5L
#
_entry.id   7X5L
#
_cell.length_a   1.00
_cell.length_b   1.00
_cell.length_c   1.00
_cell.angle_alpha   90.00
_cell.angle_beta   90.00
_cell.angle_gamma   90.00
#
_symmetry.space_group_name_H-M   'P 1'
#
loop_
_entity.id
_entity.type
_entity.pdbx_description
1 polymer "DNA (5'-D(*AP*TP*AP*AP*AP*TP*TP*A)-3')"
2 polymer "DNA (5'-D(*TP*TP*AP*AP*TP*TP*AP*A)-3')"
3 polymer 'Flax rust resistance protein'
#
loop_
_entity_poly.entity_id
_entity_poly.type
_entity_poly.pdbx_seq_one_letter_code
_entity_poly.pdbx_strand_id
1 'polydeoxyribonucleotide' (DA)(DT)(DA)(DA)(DA)(DT)(DT)(DA) A
2 'polydeoxyribonucleotide' (DT)(DT)(DA)(DA)(DT)(DT)(DA)(DA) C
3 'polypeptide(L)'
;NSKDSIVNDDDDSTSEVDAIPDSTNPSGSFPSVEYDVFLSFRGPDTRKQFTDFLYHFLCYYKIHTFRDDDELRKGKEIGP
NLLRAIDQSKIYVPIISSGYADSKWCLMELAEIVRRQEEDPRRIILPIFYMVDPSDVRHQTGCYKKAFRKHANKFDGQTI
QNWKDALKKVGDLKGWHIGKDDEQGAIADKVSADIWSHISKENL
;
B,D,E,F
#
loop_
_chem_comp.id
_chem_comp.type
_chem_comp.name
_chem_comp.formula
DA DNA linking 2'-DEOXYADENOSINE-5'-MONOPHOSPHATE 'C10 H14 N5 O6 P'
DT DNA linking THYMIDINE-5'-MONOPHOSPHATE 'C10 H15 N2 O8 P'
#
# COMPACT_ATOMS: atom_id res chain seq x y z
N VAL C 33 26.35 26.43 16.83
CA VAL C 33 25.05 26.09 16.28
C VAL C 33 25.19 25.11 15.12
N GLU C 34 26.41 24.97 14.61
CA GLU C 34 26.72 23.96 13.62
C GLU C 34 26.44 22.57 14.21
N TYR C 35 26.24 21.60 13.34
CA TYR C 35 25.95 20.27 13.83
C TYR C 35 27.22 19.43 13.83
N ASP C 36 27.41 18.64 14.89
CA ASP C 36 28.69 18.00 15.13
C ASP C 36 28.66 16.48 15.19
N VAL C 37 27.48 15.86 15.21
CA VAL C 37 27.39 14.43 15.41
C VAL C 37 26.29 13.89 14.52
N PHE C 38 26.60 12.88 13.72
CA PHE C 38 25.68 12.38 12.72
C PHE C 38 25.28 10.97 13.09
N LEU C 39 24.15 10.51 12.56
CA LEU C 39 23.67 9.16 12.79
C LEU C 39 23.06 8.59 11.52
N SER C 40 22.76 7.30 11.54
CA SER C 40 22.13 6.60 10.42
C SER C 40 21.84 5.19 10.87
N PHE C 41 20.65 4.71 10.55
CA PHE C 41 20.06 3.57 11.24
C PHE C 41 18.80 3.16 10.51
N ARG C 42 18.50 1.88 10.55
CA ARG C 42 17.22 1.50 9.96
C ARG C 42 16.10 2.09 10.80
N GLY C 43 15.00 2.45 10.15
CA GLY C 43 13.96 3.20 10.77
C GLY C 43 13.17 2.39 11.76
N PRO C 44 12.11 1.75 11.29
CA PRO C 44 11.30 0.93 12.19
C PRO C 44 12.05 -0.29 12.71
N ASP C 45 13.11 -0.05 13.50
CA ASP C 45 13.75 -1.14 14.22
C ASP C 45 14.57 -0.62 15.38
N THR C 46 14.61 0.70 15.56
CA THR C 46 15.16 1.34 16.74
C THR C 46 14.65 2.75 16.87
N ARG C 47 13.45 3.00 16.32
CA ARG C 47 12.70 4.22 16.57
C ARG C 47 11.96 4.19 17.89
N LYS C 48 12.09 3.11 18.66
CA LYS C 48 11.27 2.94 19.85
C LYS C 48 12.03 2.28 20.99
N GLN C 49 13.33 2.49 21.11
CA GLN C 49 14.06 1.89 22.22
C GLN C 49 15.38 2.61 22.43
N PHE C 50 16.26 2.57 21.45
CA PHE C 50 17.61 3.09 21.59
C PHE C 50 17.77 4.50 21.04
N THR C 51 17.79 4.63 19.71
CA THR C 51 18.15 5.89 19.05
C THR C 51 17.57 7.09 19.78
N ASP C 52 16.27 7.09 20.02
CA ASP C 52 15.70 8.14 20.84
C ASP C 52 16.42 8.25 22.17
N PHE C 53 16.36 7.19 22.96
CA PHE C 53 16.98 7.17 24.28
C PHE C 53 18.37 7.79 24.26
N LEU C 54 19.18 7.47 23.25
CA LEU C 54 20.52 8.02 23.14
C LEU C 54 20.50 9.52 22.88
N TYR C 55 19.68 9.95 21.93
CA TYR C 55 19.60 11.37 21.61
C TYR C 55 19.22 12.19 22.83
N HIS C 56 18.23 11.70 23.59
CA HIS C 56 17.78 12.42 24.78
C HIS C 56 18.91 12.52 25.80
N PHE C 57 19.51 11.39 26.14
CA PHE C 57 20.65 11.39 27.04
C PHE C 57 21.70 12.38 26.56
N LEU C 58 21.94 12.44 25.26
CA LEU C 58 22.94 13.37 24.77
C LEU C 58 22.55 14.81 25.02
N CYS C 59 21.35 15.21 24.59
CA CYS C 59 20.98 16.61 24.72
C CYS C 59 20.93 17.04 26.17
N TYR C 60 20.72 16.10 27.08
CA TYR C 60 20.89 16.44 28.48
C TYR C 60 22.35 16.41 28.91
N TYR C 61 23.28 16.63 27.98
CA TYR C 61 24.70 16.68 28.29
C TYR C 61 25.40 17.83 27.56
N LYS C 62 24.66 18.61 26.77
CA LYS C 62 25.15 19.81 26.09
C LYS C 62 26.05 19.46 24.91
N ILE C 63 25.39 19.12 23.80
CA ILE C 63 26.01 18.81 22.51
C ILE C 63 24.95 18.92 21.42
N HIS C 64 25.11 19.88 20.50
CA HIS C 64 24.07 20.11 19.50
C HIS C 64 24.27 19.15 18.33
N THR C 65 23.36 18.19 18.18
CA THR C 65 23.42 17.18 17.14
C THR C 65 22.25 17.33 16.18
N PHE C 66 22.07 16.35 15.32
CA PHE C 66 20.93 16.30 14.42
C PHE C 66 20.73 14.86 13.92
N ARG C 67 19.48 14.44 13.81
CA ARG C 67 19.05 13.31 13.00
C ARG C 67 17.80 13.76 12.26
N ASP C 68 17.14 12.83 11.58
CA ASP C 68 15.84 13.14 10.98
C ASP C 68 15.06 11.88 10.66
N ASP C 69 13.88 12.08 10.04
CA ASP C 69 12.94 11.01 9.80
C ASP C 69 12.20 11.09 8.47
N ASP C 70 12.64 11.96 7.55
CA ASP C 70 11.94 12.11 6.27
C ASP C 70 12.43 11.08 5.26
N GLU C 71 11.49 10.32 4.70
CA GLU C 71 11.77 9.23 3.77
C GLU C 71 11.99 9.71 2.34
N LEU C 72 11.83 11.00 2.08
CA LEU C 72 12.19 11.61 0.79
C LEU C 72 11.46 10.98 -0.39
N ARG C 73 12.14 10.05 -1.06
CA ARG C 73 11.66 9.37 -2.25
C ARG C 73 11.49 10.35 -3.42
N LYS C 74 12.12 11.52 -3.32
CA LYS C 74 12.03 12.51 -4.38
C LYS C 74 13.36 12.66 -5.12
N GLY C 75 14.13 11.57 -5.20
CA GLY C 75 15.40 11.57 -5.90
C GLY C 75 16.33 10.49 -5.39
N LYS C 76 17.61 10.84 -5.26
CA LYS C 76 18.65 9.89 -4.89
C LYS C 76 19.27 10.19 -3.53
N GLU C 77 19.81 11.39 -3.35
CA GLU C 77 20.19 11.89 -2.02
C GLU C 77 20.36 13.41 -2.16
N ILE C 78 19.55 14.16 -1.42
CA ILE C 78 19.50 15.58 -1.68
C ILE C 78 20.65 16.30 -0.98
N GLY C 79 20.56 17.62 -0.97
CA GLY C 79 21.62 18.46 -0.50
C GLY C 79 21.32 19.23 0.79
N PRO C 80 20.35 20.16 0.74
CA PRO C 80 20.29 21.24 1.73
C PRO C 80 20.22 20.79 3.18
N ASN C 81 20.03 19.49 3.44
CA ASN C 81 19.99 18.99 4.80
C ASN C 81 21.10 17.96 4.96
N LEU C 82 21.00 16.80 4.32
CA LEU C 82 21.99 15.75 4.56
C LEU C 82 23.36 16.16 4.05
N LEU C 83 23.44 16.67 2.82
CA LEU C 83 24.73 17.09 2.31
C LEU C 83 25.28 18.27 3.07
N ARG C 84 24.40 19.17 3.49
CA ARG C 84 24.80 20.25 4.40
C ARG C 84 25.53 19.69 5.60
N ALA C 85 24.87 18.83 6.35
CA ALA C 85 25.44 18.33 7.59
C ALA C 85 26.68 17.48 7.38
N ILE C 86 26.59 16.45 6.53
CA ILE C 86 27.68 15.50 6.36
C ILE C 86 28.99 16.22 6.05
N ASP C 87 28.97 17.10 5.06
CA ASP C 87 30.16 17.88 4.77
C ASP C 87 30.55 18.78 5.93
N GLN C 88 29.59 19.48 6.55
CA GLN C 88 29.92 20.27 7.73
C GLN C 88 30.01 19.44 8.99
N SER C 89 29.92 18.12 8.88
CA SER C 89 29.86 17.27 10.05
C SER C 89 31.21 17.15 10.73
N LYS C 90 31.32 16.19 11.63
CA LYS C 90 32.57 15.89 12.31
C LYS C 90 32.61 14.47 12.84
N ILE C 91 32.05 14.22 14.02
CA ILE C 91 32.23 12.94 14.72
C ILE C 91 31.13 12.00 14.24
N TYR C 92 31.52 10.95 13.54
CA TYR C 92 30.55 10.03 12.96
C TYR C 92 30.19 8.94 13.96
N VAL C 93 28.90 8.61 14.03
CA VAL C 93 28.41 7.53 14.88
C VAL C 93 27.25 6.85 14.16
N PRO C 94 27.48 5.76 13.47
CA PRO C 94 26.36 5.02 12.87
C PRO C 94 26.09 3.74 13.64
N ILE C 95 24.90 3.19 13.43
CA ILE C 95 24.48 2.04 14.21
C ILE C 95 23.90 0.96 13.32
N ILE C 96 24.62 -0.15 13.18
CA ILE C 96 24.12 -1.27 12.39
C ILE C 96 22.99 -1.95 13.16
N SER C 97 22.04 -2.53 12.43
CA SER C 97 20.93 -3.27 13.02
C SER C 97 20.39 -4.26 12.01
N SER C 98 19.68 -5.29 12.49
CA SER C 98 19.33 -6.42 11.65
C SER C 98 18.42 -6.06 10.49
N GLY C 99 18.13 -4.79 10.27
CA GLY C 99 17.44 -4.40 9.07
C GLY C 99 18.35 -3.57 8.18
N TYR C 100 19.63 -3.51 8.52
CA TYR C 100 20.54 -2.64 7.79
C TYR C 100 20.95 -3.20 6.44
N ALA C 101 20.01 -3.45 5.55
CA ALA C 101 20.31 -3.90 4.20
C ALA C 101 19.40 -3.27 3.16
N ASP C 102 18.09 -3.29 3.38
CA ASP C 102 17.13 -2.71 2.45
C ASP C 102 17.14 -1.19 2.50
N SER C 103 18.29 -0.60 2.79
CA SER C 103 18.39 0.83 2.99
C SER C 103 18.76 1.51 1.69
N LYS C 104 17.82 1.46 0.73
CA LYS C 104 17.98 2.05 -0.58
C LYS C 104 18.49 3.49 -0.55
N TRP C 105 18.08 4.30 0.43
CA TRP C 105 18.74 5.57 0.59
C TRP C 105 19.86 5.50 1.62
N CYS C 106 19.69 4.69 2.67
CA CYS C 106 20.63 4.77 3.78
C CYS C 106 21.95 4.09 3.45
N LEU C 107 21.94 3.08 2.57
CA LEU C 107 23.21 2.52 2.14
C LEU C 107 24.03 3.56 1.40
N MET C 108 23.38 4.27 0.48
CA MET C 108 23.98 5.46 -0.08
C MET C 108 24.51 6.39 1.00
N GLU C 109 23.70 6.64 2.04
CA GLU C 109 24.18 7.46 3.14
C GLU C 109 25.53 6.98 3.64
N LEU C 110 25.66 5.68 3.87
CA LEU C 110 26.93 5.14 4.33
C LEU C 110 28.01 5.35 3.27
N ALA C 111 27.64 5.29 2.01
CA ALA C 111 28.62 5.55 0.95
C ALA C 111 29.21 6.95 1.09
N GLU C 112 28.39 7.98 0.90
CA GLU C 112 28.78 9.36 1.18
C GLU C 112 29.59 9.47 2.46
N ILE C 113 29.16 8.81 3.52
CA ILE C 113 29.93 8.78 4.76
C ILE C 113 31.38 8.42 4.45
N VAL C 114 31.59 7.21 3.93
CA VAL C 114 32.95 6.71 3.86
C VAL C 114 33.78 7.51 2.89
N ARG C 115 33.15 8.15 1.90
CA ARG C 115 33.95 8.88 0.92
C ARG C 115 34.29 10.29 1.41
N ARG C 116 33.39 10.91 2.16
CA ARG C 116 33.75 12.13 2.84
C ARG C 116 34.63 11.86 4.04
N GLN C 117 34.85 10.59 4.36
CA GLN C 117 35.93 10.22 5.25
C GLN C 117 37.26 10.23 4.51
N GLU C 118 37.22 10.13 3.18
CA GLU C 118 38.45 10.09 2.41
C GLU C 118 38.95 11.46 2.02
N GLU C 119 39.47 12.23 2.98
CA GLU C 119 40.05 13.53 2.70
C GLU C 119 41.01 13.94 3.81
N ASP C 120 40.55 13.88 5.06
CA ASP C 120 41.42 14.07 6.21
C ASP C 120 40.99 13.10 7.30
N PRO C 121 41.82 12.15 7.67
CA PRO C 121 41.48 11.26 8.77
C PRO C 121 41.64 11.91 10.13
N ARG C 122 41.06 13.10 10.31
CA ARG C 122 40.91 13.65 11.65
C ARG C 122 39.47 13.57 12.13
N ARG C 123 38.63 12.83 11.42
CA ARG C 123 37.30 12.47 11.86
C ARG C 123 37.11 10.96 11.74
N ILE C 124 36.54 10.38 12.80
CA ILE C 124 36.57 8.93 12.94
C ILE C 124 35.18 8.34 13.01
N ILE C 125 35.10 7.04 13.30
CA ILE C 125 33.85 6.30 13.27
C ILE C 125 33.89 5.29 14.42
N LEU C 126 32.82 5.22 15.20
CA LEU C 126 32.75 4.33 16.36
C LEU C 126 31.49 3.50 16.30
N PRO C 127 31.30 2.74 15.23
CA PRO C 127 30.04 2.03 15.06
C PRO C 127 29.91 0.94 16.12
N ILE C 128 28.67 0.67 16.47
CA ILE C 128 28.35 -0.26 17.55
C ILE C 128 27.35 -1.26 16.99
N PHE C 129 27.81 -2.49 16.74
CA PHE C 129 26.90 -3.57 16.45
C PHE C 129 25.79 -3.58 17.50
N TYR C 130 24.61 -4.02 17.08
CA TYR C 130 23.46 -4.01 17.98
C TYR C 130 22.64 -5.24 17.67
N MET C 131 22.47 -6.11 18.66
CA MET C 131 21.73 -7.36 18.47
C MET C 131 22.38 -8.26 17.43
N VAL C 132 22.73 -7.72 16.26
CA VAL C 132 23.32 -8.53 15.21
C VAL C 132 24.74 -8.91 15.61
N ASP C 133 25.15 -10.10 15.18
CA ASP C 133 26.44 -10.63 15.57
C ASP C 133 27.56 -9.73 15.08
N PRO C 134 28.72 -9.78 15.72
CA PRO C 134 29.79 -8.85 15.37
C PRO C 134 30.51 -9.19 14.08
N SER C 135 30.72 -10.48 13.83
CA SER C 135 31.57 -10.88 12.72
C SER C 135 30.81 -11.43 11.53
N ASP C 136 29.56 -11.83 11.70
CA ASP C 136 28.76 -12.31 10.58
C ASP C 136 28.46 -11.19 9.59
N VAL C 137 28.71 -9.95 9.96
CA VAL C 137 28.43 -8.83 9.07
C VAL C 137 29.63 -8.44 8.21
N ARG C 138 30.72 -9.19 8.24
CA ARG C 138 31.88 -8.87 7.42
C ARG C 138 31.80 -9.44 6.01
N HIS C 139 30.89 -10.37 5.76
CA HIS C 139 30.73 -10.97 4.44
C HIS C 139 29.27 -11.17 4.08
N GLN C 140 28.34 -10.67 4.90
CA GLN C 140 26.90 -10.73 4.63
C GLN C 140 26.34 -12.15 4.69
N THR C 141 26.93 -13.00 5.53
CA THR C 141 26.44 -14.35 5.77
C THR C 141 25.37 -14.33 6.85
N GLY C 142 25.22 -15.46 7.54
CA GLY C 142 24.25 -15.58 8.61
C GLY C 142 22.81 -15.55 8.11
N CYS C 143 22.10 -14.46 8.42
CA CYS C 143 20.79 -14.20 7.85
C CYS C 143 20.77 -12.94 7.02
N TYR C 144 21.89 -12.59 6.39
CA TYR C 144 22.04 -11.33 5.70
C TYR C 144 21.94 -11.43 4.19
N LYS C 145 22.54 -12.46 3.58
CA LYS C 145 22.65 -12.50 2.12
C LYS C 145 21.28 -12.53 1.45
N LYS C 146 20.27 -13.09 2.11
CA LYS C 146 18.95 -13.19 1.50
C LYS C 146 18.43 -11.83 1.07
N ALA C 147 18.92 -10.75 1.69
CA ALA C 147 18.68 -9.43 1.15
C ALA C 147 19.31 -9.32 -0.23
N PHE C 148 20.54 -9.74 -0.35
CA PHE C 148 21.29 -9.57 -1.59
C PHE C 148 20.80 -10.46 -2.73
N ARG C 149 20.36 -11.69 -2.43
CA ARG C 149 19.91 -12.61 -3.46
C ARG C 149 18.89 -11.98 -4.41
N LYS C 150 18.10 -11.03 -3.94
CA LYS C 150 17.23 -10.26 -4.81
C LYS C 150 17.67 -8.81 -4.96
N HIS C 151 18.52 -8.31 -4.06
CA HIS C 151 19.00 -6.95 -4.23
C HIS C 151 20.18 -6.86 -5.19
N ALA C 152 20.09 -7.49 -6.35
CA ALA C 152 21.08 -7.32 -7.40
C ALA C 152 20.45 -7.12 -8.77
N ASN C 153 19.18 -7.46 -8.94
CA ASN C 153 18.47 -7.23 -10.19
C ASN C 153 17.68 -5.94 -10.18
N LYS C 154 17.90 -5.07 -9.21
CA LYS C 154 17.14 -3.83 -9.09
C LYS C 154 18.00 -2.59 -9.30
N PHE C 155 19.03 -2.38 -8.48
CA PHE C 155 19.91 -1.24 -8.70
C PHE C 155 21.16 -1.69 -9.45
N ASP C 156 22.08 -0.76 -9.64
CA ASP C 156 23.18 -0.92 -10.59
C ASP C 156 24.03 -2.13 -10.27
N GLY C 157 24.30 -2.93 -11.30
CA GLY C 157 25.12 -4.12 -11.20
C GLY C 157 26.60 -3.91 -11.08
N GLN C 158 27.03 -2.67 -10.82
CA GLN C 158 28.44 -2.36 -10.67
C GLN C 158 28.78 -1.62 -9.38
N THR C 159 27.99 -0.61 -9.01
CA THR C 159 28.31 0.18 -7.82
C THR C 159 28.11 -0.64 -6.55
N ILE C 160 27.48 -1.80 -6.67
CA ILE C 160 27.32 -2.68 -5.52
C ILE C 160 28.67 -2.99 -4.89
N GLN C 161 29.73 -3.01 -5.70
CA GLN C 161 31.06 -3.21 -5.13
C GLN C 161 31.50 -2.04 -4.28
N ASN C 162 31.14 -0.81 -4.67
CA ASN C 162 31.45 0.34 -3.83
C ASN C 162 30.54 0.43 -2.62
N TRP C 163 29.42 -0.31 -2.60
CA TRP C 163 28.67 -0.42 -1.36
C TRP C 163 29.32 -1.44 -0.43
N LYS C 164 29.73 -2.59 -0.98
CA LYS C 164 30.26 -3.65 -0.14
C LYS C 164 31.64 -3.31 0.40
N ASP C 165 32.44 -2.56 -0.35
CA ASP C 165 33.70 -2.07 0.21
C ASP C 165 33.50 -1.29 1.50
N ALA C 166 32.55 -0.37 1.54
CA ALA C 166 32.24 0.37 2.75
C ALA C 166 31.69 -0.51 3.85
N LEU C 167 30.65 -1.31 3.55
CA LEU C 167 30.08 -2.14 4.60
C LEU C 167 31.09 -3.18 5.10
N LYS C 168 32.18 -3.38 4.36
CA LYS C 168 33.29 -4.17 4.89
C LYS C 168 34.13 -3.33 5.84
N LYS C 169 34.22 -2.02 5.57
CA LYS C 169 35.21 -1.18 6.24
C LYS C 169 34.93 -1.01 7.73
N VAL C 170 33.69 -1.13 8.18
CA VAL C 170 33.43 -0.91 9.59
C VAL C 170 34.00 -2.05 10.42
N GLY C 171 33.92 -3.28 9.91
CA GLY C 171 34.17 -4.45 10.74
C GLY C 171 35.59 -4.54 11.23
N ASP C 172 36.05 -3.48 11.89
CA ASP C 172 37.44 -3.33 12.23
C ASP C 172 37.67 -2.33 13.36
N LEU C 173 36.86 -1.29 13.48
CA LEU C 173 37.20 -0.22 14.39
C LEU C 173 36.66 -0.51 15.79
N LYS C 174 37.52 -0.28 16.78
CA LYS C 174 37.30 -0.82 18.12
C LYS C 174 36.18 -0.08 18.82
N GLY C 175 35.37 -0.85 19.55
CA GLY C 175 34.21 -0.27 20.22
C GLY C 175 33.31 -1.28 20.90
N TRP C 176 32.02 -0.95 21.04
CA TRP C 176 31.12 -1.66 21.92
C TRP C 176 30.23 -2.62 21.15
N HIS C 177 30.44 -3.91 21.33
CA HIS C 177 29.42 -4.86 20.95
C HIS C 177 28.25 -4.72 21.91
N ILE C 178 27.08 -5.19 21.49
CA ILE C 178 25.90 -5.25 22.36
C ILE C 178 25.10 -6.48 21.95
N GLY C 179 24.86 -7.37 22.90
CA GLY C 179 23.93 -8.44 22.70
C GLY C 179 22.57 -8.10 23.30
N LYS C 180 21.75 -9.13 23.44
CA LYS C 180 20.44 -8.97 24.04
C LYS C 180 20.48 -8.93 25.55
N ASP C 181 21.64 -9.12 26.17
CA ASP C 181 21.73 -9.14 27.62
C ASP C 181 22.35 -7.88 28.21
N ASP C 182 23.54 -7.49 27.75
CA ASP C 182 24.09 -6.19 28.11
C ASP C 182 23.00 -5.15 27.96
N GLU C 183 22.47 -4.68 29.08
CA GLU C 183 21.24 -3.91 29.09
C GLU C 183 21.51 -2.50 28.59
N GLN C 184 20.53 -1.89 27.92
CA GLN C 184 20.77 -0.62 27.26
C GLN C 184 20.90 0.52 28.25
N GLY C 185 21.35 0.24 29.45
CA GLY C 185 21.63 1.30 30.37
C GLY C 185 23.04 1.82 30.19
N ALA C 186 23.99 1.16 30.86
CA ALA C 186 25.37 1.64 30.91
C ALA C 186 25.90 2.02 29.54
N ILE C 187 25.63 1.20 28.53
CA ILE C 187 26.12 1.50 27.18
C ILE C 187 25.88 2.94 26.83
N ALA C 188 24.69 3.44 27.11
CA ALA C 188 24.44 4.86 26.94
C ALA C 188 25.48 5.68 27.69
N ASP C 189 25.66 5.39 28.99
CA ASP C 189 26.51 6.22 29.82
C ASP C 189 27.92 6.29 29.24
N LYS C 190 28.55 5.15 29.02
CA LYS C 190 29.90 5.18 28.46
C LYS C 190 29.91 5.83 27.08
N VAL C 191 29.10 5.34 26.13
CA VAL C 191 29.11 5.88 24.78
C VAL C 191 28.91 7.37 24.76
N SER C 192 28.39 7.94 25.83
CA SER C 192 28.51 9.39 25.95
C SER C 192 29.94 9.79 26.22
N ALA C 193 30.55 9.20 27.24
CA ALA C 193 31.81 9.71 27.80
C ALA C 193 32.89 9.83 26.73
N ASP C 194 33.08 8.77 25.94
CA ASP C 194 34.02 8.87 24.85
C ASP C 194 33.71 10.03 23.93
N ILE C 195 32.49 10.13 23.45
CA ILE C 195 32.14 11.20 22.54
C ILE C 195 32.47 12.56 23.13
N TRP C 196 32.29 12.72 24.43
CA TRP C 196 32.62 14.00 25.02
C TRP C 196 34.13 14.22 25.11
N SER C 197 34.88 13.17 25.48
CA SER C 197 36.31 13.32 25.68
C SER C 197 37.04 13.61 24.38
N HIS C 198 36.48 13.22 23.24
CA HIS C 198 37.02 13.68 21.99
C HIS C 198 36.53 15.07 21.64
N ILE C 199 36.20 15.89 22.64
CA ILE C 199 35.83 17.27 22.44
C ILE C 199 36.43 18.17 23.51
N SER C 200 36.47 17.70 24.75
CA SER C 200 36.97 18.57 25.83
C SER C 200 38.49 18.63 25.83
N LYS C 201 39.13 17.69 26.54
CA LYS C 201 40.58 17.75 26.69
C LYS C 201 41.30 17.19 25.46
N GLU C 202 40.66 17.16 24.31
CA GLU C 202 41.29 16.73 23.05
C GLU C 202 41.89 15.33 23.16
N VAL D 33 -1.20 -54.12 -20.03
CA VAL D 33 -0.12 -53.94 -20.99
C VAL D 33 0.46 -52.54 -20.88
N GLU D 34 -0.29 -51.57 -21.40
CA GLU D 34 0.09 -50.17 -21.33
C GLU D 34 -0.80 -49.44 -20.33
N TYR D 35 -0.34 -48.27 -19.90
CA TYR D 35 -1.16 -47.44 -19.04
C TYR D 35 -2.44 -47.06 -19.75
N ASP D 36 -3.45 -46.66 -18.97
CA ASP D 36 -4.65 -46.07 -19.54
C ASP D 36 -4.88 -44.63 -19.11
N VAL D 37 -4.86 -44.34 -17.82
CA VAL D 37 -5.11 -42.99 -17.32
C VAL D 37 -3.86 -42.50 -16.61
N PHE D 38 -3.14 -41.61 -17.25
CA PHE D 38 -1.88 -41.09 -16.72
C PHE D 38 -2.18 -39.92 -15.83
N LEU D 39 -1.43 -39.76 -14.76
CA LEU D 39 -1.75 -38.76 -13.76
C LEU D 39 -0.76 -37.62 -13.82
N SER D 40 -0.56 -37.03 -12.65
CA SER D 40 0.41 -35.99 -12.32
C SER D 40 0.04 -35.57 -10.93
N PHE D 41 0.79 -34.63 -10.37
CA PHE D 41 0.53 -34.24 -9.00
C PHE D 41 1.44 -33.08 -8.67
N ARG D 42 1.24 -32.52 -7.49
CA ARG D 42 2.31 -31.72 -6.95
C ARG D 42 3.41 -32.66 -6.47
N GLY D 43 4.52 -32.10 -6.01
CA GLY D 43 5.61 -32.91 -5.57
C GLY D 43 5.30 -33.60 -4.26
N PRO D 44 5.64 -32.98 -3.16
CA PRO D 44 5.37 -33.59 -1.85
C PRO D 44 4.16 -33.00 -1.16
N ASP D 45 3.70 -31.85 -1.63
CA ASP D 45 2.78 -31.06 -0.82
C ASP D 45 1.39 -31.67 -0.76
N THR D 46 1.13 -32.68 -1.57
CA THR D 46 -0.13 -33.41 -1.49
C THR D 46 0.06 -34.86 -1.85
N ARG D 47 1.03 -35.52 -1.19
CA ARG D 47 1.21 -36.97 -1.27
C ARG D 47 0.56 -37.71 -0.11
N LYS D 48 -0.34 -37.07 0.62
CA LYS D 48 -1.06 -37.77 1.67
C LYS D 48 -2.56 -37.80 1.38
N GLN D 49 -3.33 -36.85 1.91
CA GLN D 49 -4.77 -37.05 2.04
C GLN D 49 -5.46 -37.35 0.71
N PHE D 50 -5.12 -36.66 -0.35
CA PHE D 50 -5.82 -36.84 -1.62
C PHE D 50 -5.16 -37.86 -2.52
N THR D 51 -4.28 -37.40 -3.42
CA THR D 51 -3.80 -38.17 -4.57
C THR D 51 -3.89 -39.67 -4.35
N ASP D 52 -3.19 -40.18 -3.34
CA ASP D 52 -3.20 -41.61 -3.08
C ASP D 52 -4.63 -42.14 -3.01
N PHE D 53 -5.42 -41.59 -2.09
CA PHE D 53 -6.82 -41.95 -1.95
C PHE D 53 -7.48 -42.13 -3.31
N LEU D 54 -7.26 -41.20 -4.23
CA LEU D 54 -7.77 -41.31 -5.58
C LEU D 54 -7.20 -42.51 -6.30
N TYR D 55 -5.90 -42.74 -6.18
CA TYR D 55 -5.27 -43.80 -6.95
C TYR D 55 -5.83 -45.15 -6.58
N HIS D 56 -5.92 -45.43 -5.28
CA HIS D 56 -6.45 -46.72 -4.86
C HIS D 56 -7.87 -46.91 -5.36
N PHE D 57 -8.71 -45.92 -5.11
CA PHE D 57 -10.10 -46.03 -5.52
C PHE D 57 -10.21 -46.29 -7.00
N LEU D 58 -9.43 -45.57 -7.81
CA LEU D 58 -9.44 -45.85 -9.23
C LEU D 58 -9.11 -47.31 -9.49
N CYS D 59 -8.00 -47.80 -8.95
CA CYS D 59 -7.61 -49.18 -9.22
C CYS D 59 -8.70 -50.16 -8.79
N TYR D 60 -9.58 -49.76 -7.89
CA TYR D 60 -10.65 -50.68 -7.52
C TYR D 60 -11.76 -50.77 -8.54
N TYR D 61 -11.55 -50.28 -9.76
CA TYR D 61 -12.53 -50.46 -10.80
C TYR D 61 -12.02 -51.32 -11.94
N LYS D 62 -10.74 -51.71 -11.90
CA LYS D 62 -10.07 -52.44 -12.98
C LYS D 62 -9.86 -51.53 -14.18
N ILE D 63 -9.00 -50.55 -13.99
CA ILE D 63 -8.64 -49.60 -15.03
C ILE D 63 -7.17 -49.24 -14.87
N HIS D 64 -6.30 -49.99 -15.55
CA HIS D 64 -4.87 -49.90 -15.32
C HIS D 64 -4.39 -48.46 -15.49
N THR D 65 -3.46 -48.04 -14.64
CA THR D 65 -3.01 -46.67 -14.60
C THR D 65 -1.51 -46.58 -14.38
N PHE D 66 -1.04 -45.38 -14.09
CA PHE D 66 0.35 -45.14 -13.78
C PHE D 66 0.43 -44.12 -12.65
N ARG D 67 1.56 -44.10 -11.98
CA ARG D 67 2.09 -42.94 -11.27
C ARG D 67 3.48 -43.34 -10.81
N ASP D 68 4.42 -42.41 -10.89
CA ASP D 68 5.77 -42.70 -10.42
C ASP D 68 6.29 -41.57 -9.54
N ASP D 69 7.30 -41.89 -8.76
CA ASP D 69 7.88 -40.96 -7.81
C ASP D 69 9.31 -40.57 -8.14
N ASP D 70 9.92 -41.20 -9.14
CA ASP D 70 11.35 -41.05 -9.34
C ASP D 70 11.71 -39.58 -9.57
N GLU D 71 12.83 -39.17 -8.99
CA GLU D 71 13.17 -37.76 -8.84
C GLU D 71 14.09 -37.26 -9.94
N LEU D 72 14.58 -38.16 -10.79
CA LEU D 72 15.53 -37.81 -11.84
C LEU D 72 16.70 -37.06 -11.24
N ARG D 73 16.70 -35.73 -11.36
CA ARG D 73 17.77 -34.87 -10.88
C ARG D 73 19.11 -35.19 -11.54
N LYS D 74 19.13 -36.18 -12.43
CA LYS D 74 20.29 -36.44 -13.27
C LYS D 74 20.24 -35.55 -14.50
N GLY D 75 19.42 -34.50 -14.44
CA GLY D 75 19.24 -33.58 -15.55
C GLY D 75 17.84 -32.99 -15.56
N LYS D 76 17.17 -33.10 -16.70
CA LYS D 76 15.89 -32.46 -16.89
C LYS D 76 15.04 -33.08 -17.99
N GLU D 77 15.59 -33.98 -18.79
CA GLU D 77 14.81 -34.60 -19.86
C GLU D 77 14.73 -36.11 -19.60
N ILE D 78 13.58 -36.56 -19.10
CA ILE D 78 13.39 -37.99 -18.88
C ILE D 78 12.74 -38.60 -20.11
N GLY D 79 13.33 -39.69 -20.58
CA GLY D 79 12.93 -40.26 -21.84
C GLY D 79 12.01 -41.46 -21.73
N PRO D 80 12.58 -42.64 -21.92
CA PRO D 80 11.77 -43.83 -22.13
C PRO D 80 11.08 -44.31 -20.86
N ASN D 81 10.32 -43.42 -20.22
CA ASN D 81 9.41 -43.79 -19.17
C ASN D 81 8.13 -43.01 -19.43
N LEU D 82 7.96 -41.85 -18.81
CA LEU D 82 6.79 -41.05 -19.14
C LEU D 82 6.86 -40.53 -20.57
N LEU D 83 8.08 -40.24 -21.07
CA LEU D 83 8.16 -39.80 -22.45
C LEU D 83 7.69 -40.88 -23.41
N ARG D 84 7.52 -42.10 -22.92
CA ARG D 84 6.81 -43.14 -23.67
C ARG D 84 5.34 -43.12 -23.30
N ALA D 85 5.08 -42.96 -22.00
CA ALA D 85 3.67 -42.91 -21.52
C ALA D 85 2.92 -41.73 -22.14
N ILE D 86 3.51 -40.53 -22.20
CA ILE D 86 2.76 -39.34 -22.69
C ILE D 86 2.30 -39.63 -24.13
N ASP D 87 3.18 -40.23 -24.94
CA ASP D 87 2.77 -40.62 -26.32
C ASP D 87 2.34 -42.08 -26.31
N GLN D 88 1.75 -42.56 -25.20
CA GLN D 88 1.38 -43.97 -25.14
C GLN D 88 0.07 -44.17 -24.40
N SER D 89 -0.39 -43.18 -23.64
CA SER D 89 -1.49 -43.35 -22.68
C SER D 89 -2.85 -43.14 -23.36
N LYS D 90 -3.71 -42.39 -22.70
CA LYS D 90 -5.03 -42.10 -23.24
C LYS D 90 -5.66 -40.83 -22.67
N ILE D 91 -6.31 -40.91 -21.51
CA ILE D 91 -7.14 -39.83 -20.98
C ILE D 91 -6.50 -39.32 -19.69
N TYR D 92 -6.33 -38.01 -19.60
CA TYR D 92 -5.45 -37.46 -18.59
C TYR D 92 -6.27 -37.07 -17.36
N VAL D 93 -5.60 -36.48 -16.36
CA VAL D 93 -6.25 -35.89 -15.20
C VAL D 93 -5.30 -35.02 -14.41
N PRO D 94 -4.66 -33.94 -14.97
CA PRO D 94 -3.68 -33.16 -14.21
C PRO D 94 -4.34 -32.37 -13.07
N ILE D 95 -3.76 -32.44 -11.86
CA ILE D 95 -4.30 -31.69 -10.68
C ILE D 95 -3.35 -30.53 -10.37
N ILE D 96 -3.88 -29.39 -9.91
CA ILE D 96 -3.02 -28.27 -9.58
C ILE D 96 -2.90 -28.24 -8.07
N SER D 97 -1.90 -27.53 -7.56
CA SER D 97 -1.70 -27.45 -6.13
C SER D 97 -1.87 -26.01 -5.68
N SER D 98 -1.65 -25.76 -4.40
CA SER D 98 -1.52 -24.40 -3.96
C SER D 98 -0.28 -23.73 -4.51
N GLY D 99 0.65 -24.50 -5.07
CA GLY D 99 1.89 -23.94 -5.66
C GLY D 99 2.48 -24.84 -6.74
N TYR D 100 1.67 -25.27 -7.70
CA TYR D 100 2.13 -26.16 -8.80
C TYR D 100 3.18 -25.46 -9.68
N ALA D 101 3.05 -24.15 -9.90
CA ALA D 101 3.95 -23.42 -10.81
C ALA D 101 5.40 -23.50 -10.35
N ASP D 102 5.62 -23.51 -9.03
CA ASP D 102 7.01 -23.50 -8.48
C ASP D 102 7.76 -24.77 -8.91
N SER D 103 7.04 -25.82 -9.28
CA SER D 103 7.72 -27.10 -9.65
C SER D 103 8.04 -27.08 -11.14
N LYS D 104 9.32 -26.88 -11.49
CA LYS D 104 9.75 -26.85 -12.92
C LYS D 104 9.53 -28.23 -13.55
N TRP D 105 9.82 -29.30 -12.81
CA TRP D 105 9.72 -30.67 -13.38
C TRP D 105 8.28 -30.99 -13.77
N CYS D 106 7.31 -30.61 -12.93
CA CYS D 106 5.89 -30.92 -13.21
C CYS D 106 5.35 -29.92 -14.24
N LEU D 107 5.91 -28.70 -14.26
CA LEU D 107 5.44 -27.68 -15.18
C LEU D 107 5.71 -28.10 -16.61
N MET D 108 6.98 -28.45 -16.88
CA MET D 108 7.35 -28.92 -18.20
C MET D 108 6.61 -30.18 -18.59
N GLU D 109 6.22 -30.99 -17.62
CA GLU D 109 5.46 -32.17 -17.98
C GLU D 109 4.07 -31.79 -18.49
N LEU D 110 3.38 -30.92 -17.78
CA LEU D 110 2.07 -30.45 -18.25
C LEU D 110 2.20 -29.76 -19.59
N ALA D 111 3.36 -29.14 -19.83
CA ALA D 111 3.63 -28.58 -21.14
C ALA D 111 3.45 -29.61 -22.25
N GLU D 112 4.30 -30.64 -22.28
CA GLU D 112 4.13 -31.71 -23.26
C GLU D 112 2.75 -32.33 -23.19
N ILE D 113 2.10 -32.28 -22.03
CA ILE D 113 0.70 -32.68 -21.97
C ILE D 113 -0.12 -31.91 -23.00
N VAL D 114 -0.16 -30.59 -22.84
CA VAL D 114 -0.99 -29.80 -23.75
C VAL D 114 -0.52 -29.93 -25.19
N ARG D 115 0.77 -30.21 -25.41
CA ARG D 115 1.31 -30.19 -26.77
C ARG D 115 1.00 -31.48 -27.51
N ARG D 116 1.18 -32.62 -26.86
CA ARG D 116 0.70 -33.86 -27.45
C ARG D 116 -0.81 -33.95 -27.39
N GLN D 117 -1.46 -33.03 -26.68
CA GLN D 117 -2.90 -32.87 -26.79
C GLN D 117 -3.27 -32.16 -28.08
N GLU D 118 -2.65 -31.01 -28.33
CA GLU D 118 -3.04 -30.12 -29.42
C GLU D 118 -3.05 -30.79 -30.79
N GLU D 119 -2.23 -31.83 -31.00
CA GLU D 119 -2.16 -32.43 -32.32
C GLU D 119 -3.45 -33.15 -32.67
N ASP D 120 -4.23 -33.54 -31.67
CA ASP D 120 -5.49 -34.23 -31.92
C ASP D 120 -6.45 -34.04 -30.76
N PRO D 121 -7.68 -33.62 -31.02
CA PRO D 121 -8.69 -33.60 -29.96
C PRO D 121 -9.56 -34.84 -29.96
N ARG D 122 -8.96 -36.02 -30.11
CA ARG D 122 -9.69 -37.23 -29.79
C ARG D 122 -9.48 -37.62 -28.34
N ARG D 123 -8.32 -37.31 -27.78
CA ARG D 123 -8.06 -37.53 -26.37
C ARG D 123 -8.26 -36.24 -25.60
N ILE D 124 -8.87 -36.38 -24.43
CA ILE D 124 -9.55 -35.27 -23.78
C ILE D 124 -8.63 -34.56 -22.81
N ILE D 125 -9.22 -33.77 -21.91
CA ILE D 125 -8.61 -33.37 -20.64
C ILE D 125 -9.72 -33.56 -19.63
N LEU D 126 -9.47 -33.25 -18.36
CA LEU D 126 -10.46 -33.44 -17.31
C LEU D 126 -10.02 -32.86 -15.99
N PRO D 127 -9.59 -31.61 -15.98
CA PRO D 127 -8.87 -31.10 -14.81
C PRO D 127 -9.72 -31.07 -13.58
N ILE D 128 -9.09 -30.76 -12.46
CA ILE D 128 -9.72 -30.77 -11.15
C ILE D 128 -8.95 -29.75 -10.33
N PHE D 129 -9.45 -28.52 -10.28
CA PHE D 129 -8.78 -27.55 -9.42
C PHE D 129 -8.72 -28.08 -7.99
N TYR D 130 -7.74 -27.59 -7.23
CA TYR D 130 -7.55 -28.10 -5.83
C TYR D 130 -6.60 -27.18 -5.06
N MET D 131 -7.05 -26.67 -3.91
CA MET D 131 -6.20 -25.79 -3.04
C MET D 131 -5.85 -24.52 -3.81
N VAL D 132 -6.69 -24.11 -4.76
CA VAL D 132 -6.48 -22.88 -5.58
C VAL D 132 -7.74 -22.74 -6.45
N ASP D 133 -8.20 -21.52 -6.71
CA ASP D 133 -9.43 -21.45 -7.48
C ASP D 133 -9.19 -20.93 -8.88
N PRO D 134 -10.06 -21.29 -9.83
CA PRO D 134 -9.92 -20.78 -11.19
C PRO D 134 -10.17 -19.29 -11.27
N SER D 135 -10.10 -18.64 -10.11
CA SER D 135 -10.02 -17.20 -10.05
C SER D 135 -8.60 -16.68 -10.19
N ASP D 136 -7.59 -17.51 -9.90
CA ASP D 136 -6.19 -17.14 -10.03
C ASP D 136 -5.40 -18.11 -10.88
N VAL D 137 -6.03 -18.77 -11.84
CA VAL D 137 -5.30 -19.63 -12.76
C VAL D 137 -5.43 -19.19 -14.20
N ARG D 138 -6.57 -18.66 -14.62
CA ARG D 138 -6.63 -18.04 -15.93
C ARG D 138 -5.91 -16.70 -15.95
N HIS D 139 -4.80 -16.58 -15.22
CA HIS D 139 -4.09 -15.31 -15.10
C HIS D 139 -2.63 -15.47 -14.69
N GLN D 140 -2.21 -16.64 -14.24
CA GLN D 140 -0.93 -16.79 -13.56
C GLN D 140 -0.69 -15.66 -12.58
N THR D 141 -1.74 -15.19 -11.93
CA THR D 141 -1.69 -14.00 -11.10
C THR D 141 -2.33 -14.27 -9.75
N GLY D 142 -1.81 -13.60 -8.73
CA GLY D 142 -2.15 -13.93 -7.37
C GLY D 142 -0.98 -14.59 -6.67
N CYS D 143 -1.19 -15.78 -6.11
CA CYS D 143 -0.17 -16.45 -5.32
C CYS D 143 0.95 -17.03 -6.16
N TYR D 144 0.83 -16.97 -7.49
CA TYR D 144 1.86 -17.51 -8.37
C TYR D 144 3.07 -16.62 -8.52
N LYS D 145 3.00 -15.38 -8.02
CA LYS D 145 4.14 -14.48 -8.17
C LYS D 145 5.38 -15.07 -7.53
N LYS D 146 5.24 -15.62 -6.31
CA LYS D 146 6.37 -16.26 -5.66
C LYS D 146 7.00 -17.32 -6.55
N ALA D 147 6.21 -17.94 -7.42
CA ALA D 147 6.75 -18.97 -8.29
C ALA D 147 7.48 -18.38 -9.47
N PHE D 148 6.74 -18.07 -10.55
CA PHE D 148 7.31 -17.52 -11.77
C PHE D 148 8.30 -16.38 -11.52
N ARG D 149 8.04 -15.53 -10.51
CA ARG D 149 8.87 -14.37 -10.24
C ARG D 149 10.35 -14.70 -10.13
N LYS D 150 10.72 -15.79 -9.45
CA LYS D 150 12.10 -16.21 -9.39
C LYS D 150 12.34 -17.57 -10.02
N HIS D 151 11.31 -18.21 -10.56
CA HIS D 151 11.55 -19.35 -11.42
C HIS D 151 12.14 -18.92 -12.75
N ALA D 152 11.92 -17.69 -13.18
CA ALA D 152 12.39 -17.22 -14.47
C ALA D 152 13.81 -16.69 -14.44
N ASN D 153 14.24 -16.10 -13.32
CA ASN D 153 15.54 -15.46 -13.17
C ASN D 153 16.67 -16.22 -13.85
N LYS D 154 16.60 -17.54 -13.91
CA LYS D 154 17.60 -18.33 -14.61
C LYS D 154 17.21 -18.62 -16.05
N PHE D 155 15.92 -18.62 -16.37
CA PHE D 155 15.50 -19.15 -17.65
C PHE D 155 15.05 -18.05 -18.61
N ASP D 156 15.19 -18.35 -19.90
CA ASP D 156 15.07 -17.39 -20.99
C ASP D 156 13.69 -16.75 -21.01
N GLY D 157 13.59 -15.63 -21.72
CA GLY D 157 12.35 -14.93 -21.93
C GLY D 157 11.45 -15.48 -23.02
N GLN D 158 11.69 -16.71 -23.47
CA GLN D 158 10.79 -17.36 -24.43
C GLN D 158 10.12 -18.60 -23.88
N THR D 159 10.89 -19.53 -23.33
CA THR D 159 10.31 -20.72 -22.74
C THR D 159 9.25 -20.36 -21.70
N ILE D 160 9.53 -19.35 -20.89
CA ILE D 160 8.54 -18.91 -19.90
C ILE D 160 7.22 -18.63 -20.56
N GLN D 161 7.24 -17.97 -21.72
CA GLN D 161 6.00 -17.68 -22.41
C GLN D 161 5.32 -18.94 -22.90
N ASN D 162 6.07 -19.89 -23.45
CA ASN D 162 5.49 -21.16 -23.85
C ASN D 162 4.78 -21.85 -22.69
N TRP D 163 5.46 -22.06 -21.57
CA TRP D 163 4.84 -22.70 -20.42
C TRP D 163 3.59 -21.94 -19.99
N LYS D 164 3.74 -20.66 -19.68
CA LYS D 164 2.60 -19.87 -19.21
C LYS D 164 1.43 -20.02 -20.16
N ASP D 165 1.70 -20.02 -21.46
CA ASP D 165 0.64 -20.23 -22.44
C ASP D 165 -0.02 -21.59 -22.29
N ALA D 166 0.70 -22.59 -21.80
CA ALA D 166 0.08 -23.88 -21.59
C ALA D 166 -0.78 -23.90 -20.34
N LEU D 167 -0.24 -23.39 -19.23
CA LEU D 167 -1.02 -23.37 -18.00
C LEU D 167 -2.31 -22.59 -18.19
N LYS D 168 -2.29 -21.55 -19.03
CA LYS D 168 -3.51 -20.81 -19.28
C LYS D 168 -4.64 -21.72 -19.71
N LYS D 169 -4.38 -22.59 -20.69
CA LYS D 169 -5.47 -23.22 -21.44
C LYS D 169 -6.26 -24.24 -20.62
N VAL D 170 -5.77 -24.64 -19.44
CA VAL D 170 -6.60 -25.52 -18.64
C VAL D 170 -7.75 -24.74 -18.02
N GLY D 171 -7.53 -23.46 -17.73
CA GLY D 171 -8.52 -22.64 -17.06
C GLY D 171 -9.89 -22.61 -17.71
N ASP D 172 -10.00 -23.27 -18.86
CA ASP D 172 -11.25 -23.34 -19.56
C ASP D 172 -12.07 -24.57 -19.22
N LEU D 173 -11.62 -25.77 -19.56
CA LEU D 173 -12.49 -26.93 -19.55
C LEU D 173 -12.98 -27.25 -18.14
N LYS D 174 -13.92 -28.18 -18.06
CA LYS D 174 -14.86 -28.24 -16.95
C LYS D 174 -14.14 -28.40 -15.61
N GLY D 175 -14.83 -28.06 -14.51
CA GLY D 175 -14.13 -28.10 -13.22
C GLY D 175 -14.97 -28.57 -12.06
N TRP D 176 -14.57 -29.67 -11.40
CA TRP D 176 -15.27 -30.12 -10.17
C TRP D 176 -15.11 -29.02 -9.12
N HIS D 177 -13.92 -28.40 -9.07
CA HIS D 177 -13.65 -27.31 -8.11
C HIS D 177 -13.82 -27.79 -6.67
N ILE D 178 -13.09 -28.84 -6.29
CA ILE D 178 -13.11 -29.31 -4.90
C ILE D 178 -12.59 -28.16 -4.06
N GLY D 179 -13.30 -27.81 -3.01
CA GLY D 179 -12.92 -26.66 -2.24
C GLY D 179 -12.55 -27.02 -0.81
N LYS D 180 -12.56 -25.99 0.03
CA LYS D 180 -12.06 -26.07 1.40
C LYS D 180 -12.86 -27.01 2.27
N ASP D 181 -14.17 -27.07 2.12
CA ASP D 181 -15.00 -27.84 3.02
C ASP D 181 -15.66 -29.05 2.38
N ASP D 182 -15.95 -29.00 1.08
CA ASP D 182 -16.53 -30.15 0.40
C ASP D 182 -15.78 -31.41 0.80
N GLU D 183 -16.53 -32.48 1.08
CA GLU D 183 -15.89 -33.78 1.42
C GLU D 183 -15.14 -34.32 0.19
N GLN D 184 -13.82 -34.52 0.30
CA GLN D 184 -13.01 -35.01 -0.84
C GLN D 184 -13.46 -36.41 -1.26
N GLY D 185 -13.82 -37.27 -0.30
CA GLY D 185 -14.20 -38.67 -0.62
C GLY D 185 -15.41 -38.76 -1.54
N ALA D 186 -16.41 -37.92 -1.31
CA ALA D 186 -17.64 -37.94 -2.15
C ALA D 186 -17.29 -37.56 -3.59
N ILE D 187 -16.15 -36.89 -3.80
CA ILE D 187 -15.76 -36.45 -5.13
C ILE D 187 -14.95 -37.52 -5.82
N ALA D 188 -14.25 -38.36 -5.04
CA ALA D 188 -13.61 -39.51 -5.66
C ALA D 188 -14.62 -40.37 -6.39
N ASP D 189 -15.72 -40.69 -5.73
CA ASP D 189 -16.79 -41.40 -6.43
C ASP D 189 -17.23 -40.63 -7.66
N LYS D 190 -17.59 -39.36 -7.47
CA LYS D 190 -18.15 -38.62 -8.59
C LYS D 190 -17.10 -38.29 -9.64
N VAL D 191 -15.86 -38.72 -9.43
CA VAL D 191 -14.84 -38.59 -10.48
C VAL D 191 -14.42 -39.93 -11.04
N SER D 192 -14.79 -41.03 -10.39
CA SER D 192 -14.55 -42.32 -11.01
C SER D 192 -15.62 -42.62 -12.05
N ALA D 193 -16.88 -42.69 -11.60
CA ALA D 193 -17.97 -43.09 -12.47
C ALA D 193 -17.87 -42.44 -13.83
N ASP D 194 -17.50 -41.17 -13.86
CA ASP D 194 -17.23 -40.55 -15.14
C ASP D 194 -16.19 -41.33 -15.93
N ILE D 195 -14.93 -41.31 -15.52
CA ILE D 195 -13.88 -41.96 -16.29
C ILE D 195 -14.29 -43.36 -16.72
N TRP D 196 -15.02 -44.07 -15.86
CA TRP D 196 -15.64 -45.32 -16.27
C TRP D 196 -16.46 -45.13 -17.54
N SER D 197 -17.42 -44.23 -17.49
CA SER D 197 -18.31 -44.03 -18.63
C SER D 197 -17.56 -43.67 -19.89
N HIS D 198 -16.48 -42.90 -19.80
CA HIS D 198 -15.74 -42.54 -20.99
C HIS D 198 -14.84 -43.65 -21.48
N ILE D 199 -14.93 -44.83 -20.86
CA ILE D 199 -14.13 -46.01 -21.33
C ILE D 199 -15.11 -47.02 -21.93
N SER D 200 -16.18 -47.34 -21.20
CA SER D 200 -17.22 -48.27 -21.73
C SER D 200 -17.88 -47.65 -22.96
N LYS D 201 -18.15 -46.34 -22.92
CA LYS D 201 -18.79 -45.64 -24.07
C LYS D 201 -17.85 -44.54 -24.58
N VAL E 33 -20.01 34.46 38.62
CA VAL E 33 -18.95 35.11 39.38
C VAL E 33 -17.68 34.28 39.29
N GLU E 34 -16.78 34.45 40.25
CA GLU E 34 -15.56 33.68 40.26
C GLU E 34 -15.89 32.20 40.49
N TYR E 35 -15.39 31.38 39.57
CA TYR E 35 -15.59 29.91 39.63
C TYR E 35 -14.26 29.30 39.22
N ASP E 36 -14.10 27.99 39.37
CA ASP E 36 -12.77 27.38 39.05
C ASP E 36 -12.89 26.37 37.90
N VAL E 37 -14.05 26.28 37.23
CA VAL E 37 -14.20 25.19 36.23
C VAL E 37 -14.54 25.68 34.82
N PHE E 38 -13.54 25.81 33.93
CA PHE E 38 -13.80 26.09 32.53
C PHE E 38 -13.67 24.79 31.78
N LEU E 39 -14.45 24.60 30.74
CA LEU E 39 -14.46 23.31 30.07
C LEU E 39 -14.18 23.45 28.59
N SER E 40 -14.50 22.40 27.87
CA SER E 40 -14.48 22.36 26.42
C SER E 40 -15.10 21.05 26.02
N PHE E 41 -15.14 20.77 24.72
CA PHE E 41 -15.72 19.52 24.24
C PHE E 41 -15.65 19.49 22.73
N ARG E 42 -15.98 18.35 22.17
CA ARG E 42 -16.33 18.30 20.77
C ARG E 42 -17.68 18.99 20.60
N GLY E 43 -18.22 19.00 19.37
CA GLY E 43 -19.57 19.55 19.16
C GLY E 43 -20.64 18.48 19.36
N PRO E 44 -21.31 18.00 18.29
CA PRO E 44 -22.39 17.01 18.42
C PRO E 44 -21.95 15.66 19.01
N ASP E 45 -20.72 15.23 18.74
CA ASP E 45 -20.28 13.87 19.16
C ASP E 45 -20.35 13.67 20.68
N THR E 46 -19.84 14.57 21.51
CA THR E 46 -19.78 14.22 22.96
C THR E 46 -20.21 15.33 23.92
N ARG E 47 -20.56 16.52 23.43
CA ARG E 47 -20.87 17.60 24.42
C ARG E 47 -22.04 17.15 25.29
N LYS E 48 -23.11 16.62 24.67
CA LYS E 48 -24.32 16.23 25.43
C LYS E 48 -23.97 15.12 26.41
N GLN E 49 -23.20 14.13 25.97
CA GLN E 49 -22.88 12.97 26.85
C GLN E 49 -22.12 13.48 28.08
N PHE E 50 -21.14 14.35 27.85
CA PHE E 50 -20.34 14.87 28.99
C PHE E 50 -21.19 15.73 29.93
N THR E 51 -22.10 16.55 29.38
CA THR E 51 -22.99 17.35 30.26
C THR E 51 -23.82 16.39 31.12
N ASP E 52 -24.30 15.30 30.51
CA ASP E 52 -25.12 14.30 31.24
C ASP E 52 -24.31 13.59 32.33
N PHE E 53 -23.03 13.27 32.07
CA PHE E 53 -22.29 12.42 33.05
C PHE E 53 -21.32 13.15 33.99
N LEU E 54 -20.82 14.33 33.63
CA LEU E 54 -19.79 14.93 34.47
C LEU E 54 -20.22 16.27 35.02
N TYR E 55 -20.87 17.09 34.20
CA TYR E 55 -21.17 18.46 34.61
C TYR E 55 -22.10 18.47 35.81
N HIS E 56 -23.24 17.78 35.69
CA HIS E 56 -24.13 17.68 36.84
C HIS E 56 -23.39 17.13 38.04
N PHE E 57 -22.84 15.93 37.90
CA PHE E 57 -22.13 15.30 38.98
C PHE E 57 -21.22 16.29 39.69
N LEU E 58 -20.53 17.12 38.92
CA LEU E 58 -19.74 18.17 39.53
C LEU E 58 -20.62 19.09 40.35
N CYS E 59 -21.68 19.61 39.75
CA CYS E 59 -22.52 20.56 40.48
C CYS E 59 -23.00 19.99 41.79
N TYR E 60 -22.99 18.67 41.93
CA TYR E 60 -23.40 18.07 43.19
C TYR E 60 -22.34 18.20 44.28
N TYR E 61 -21.20 18.82 44.01
CA TYR E 61 -20.17 19.03 45.01
C TYR E 61 -19.91 20.50 45.30
N LYS E 62 -20.78 21.40 44.84
CA LYS E 62 -20.73 22.83 45.14
C LYS E 62 -19.51 23.50 44.52
N ILE E 63 -19.48 23.48 43.19
CA ILE E 63 -18.46 24.21 42.44
C ILE E 63 -19.11 24.89 41.25
N HIS E 64 -19.14 26.21 41.24
CA HIS E 64 -19.66 26.94 40.09
C HIS E 64 -18.80 26.63 38.88
N THR E 65 -19.44 26.42 37.73
CA THR E 65 -18.76 26.00 36.52
C THR E 65 -19.17 26.89 35.36
N PHE E 66 -18.90 26.45 34.14
CA PHE E 66 -19.11 27.27 32.96
C PHE E 66 -18.99 26.44 31.70
N ARG E 67 -19.71 26.84 30.67
CA ARG E 67 -19.58 26.37 29.30
C ARG E 67 -20.75 26.96 28.52
N ASP E 68 -20.77 26.76 27.21
CA ASP E 68 -21.91 27.18 26.39
C ASP E 68 -21.92 26.46 25.06
N ASP E 69 -22.84 26.85 24.17
CA ASP E 69 -23.12 26.07 22.99
C ASP E 69 -22.94 26.80 21.67
N ASP E 70 -22.94 28.14 21.65
CA ASP E 70 -23.08 28.85 20.40
C ASP E 70 -21.85 28.73 19.51
N GLU E 71 -22.05 28.84 18.20
CA GLU E 71 -21.04 28.60 17.18
C GLU E 71 -20.58 29.87 16.47
N LEU E 72 -21.19 31.02 16.76
CA LEU E 72 -20.84 32.27 16.12
C LEU E 72 -20.87 32.19 14.60
N ARG E 73 -19.71 31.99 14.00
CA ARG E 73 -19.47 32.05 12.56
C ARG E 73 -19.69 33.46 12.01
N LYS E 74 -19.95 34.43 12.88
CA LYS E 74 -19.91 35.82 12.46
C LYS E 74 -18.64 36.46 13.01
N GLY E 75 -17.49 35.96 12.55
CA GLY E 75 -16.21 36.29 13.13
C GLY E 75 -15.58 35.06 13.76
N LYS E 76 -14.64 35.31 14.68
CA LYS E 76 -13.83 34.22 15.21
C LYS E 76 -13.66 34.23 16.72
N GLU E 77 -13.76 35.39 17.38
CA GLU E 77 -13.50 35.42 18.83
C GLU E 77 -14.52 36.34 19.50
N ILE E 78 -15.39 35.75 20.33
CA ILE E 78 -16.30 36.54 21.17
C ILE E 78 -15.52 37.12 22.36
N GLY E 79 -15.83 38.37 22.67
CA GLY E 79 -15.08 39.11 23.66
C GLY E 79 -15.38 38.71 25.09
N PRO E 80 -15.76 39.68 25.92
CA PRO E 80 -15.97 39.42 27.35
C PRO E 80 -17.06 38.41 27.67
N ASN E 81 -16.93 37.22 27.08
CA ASN E 81 -17.56 36.03 27.60
C ASN E 81 -16.54 34.92 27.43
N LEU E 82 -16.14 34.58 26.21
CA LEU E 82 -14.97 33.73 26.01
C LEU E 82 -13.78 34.25 26.81
N LEU E 83 -13.52 35.55 26.74
CA LEU E 83 -12.34 36.08 27.40
C LEU E 83 -12.51 36.20 28.90
N ARG E 84 -13.69 36.60 29.39
CA ARG E 84 -13.88 36.58 30.84
C ARG E 84 -13.67 35.17 31.37
N ALA E 85 -14.21 34.20 30.64
CA ALA E 85 -13.99 32.80 30.96
C ALA E 85 -12.51 32.47 31.10
N ILE E 86 -11.75 32.50 30.01
CA ILE E 86 -10.37 32.04 30.07
C ILE E 86 -9.62 32.80 31.16
N ASP E 87 -9.77 34.11 31.17
CA ASP E 87 -9.10 34.96 32.15
C ASP E 87 -9.33 34.49 33.58
N GLN E 88 -10.56 34.56 34.09
CA GLN E 88 -10.75 34.29 35.51
C GLN E 88 -10.72 32.81 35.84
N SER E 89 -10.89 31.95 34.84
CA SER E 89 -10.94 30.52 35.09
C SER E 89 -9.59 30.01 35.61
N LYS E 90 -9.65 28.94 36.40
CA LYS E 90 -8.50 28.39 37.11
C LYS E 90 -7.94 27.12 36.47
N ILE E 91 -8.51 25.95 36.77
CA ILE E 91 -7.93 24.65 36.41
C ILE E 91 -8.75 24.06 35.28
N TYR E 92 -8.12 23.85 34.14
CA TYR E 92 -8.88 23.53 32.94
C TYR E 92 -9.05 22.03 32.84
N VAL E 93 -10.03 21.58 32.07
CA VAL E 93 -10.30 20.17 31.95
C VAL E 93 -10.70 19.86 30.50
N PRO E 94 -9.78 19.86 29.57
CA PRO E 94 -10.16 19.73 28.17
C PRO E 94 -10.34 18.29 27.73
N ILE E 95 -11.60 17.86 27.66
CA ILE E 95 -11.96 16.51 27.24
C ILE E 95 -11.74 16.33 25.75
N ILE E 96 -10.48 16.18 25.34
CA ILE E 96 -10.16 15.95 23.94
C ILE E 96 -10.95 14.75 23.44
N SER E 97 -11.41 14.81 22.19
CA SER E 97 -12.23 13.74 21.65
C SER E 97 -11.74 13.31 20.26
N SER E 98 -12.28 12.20 19.77
CA SER E 98 -11.86 11.65 18.49
C SER E 98 -12.38 12.44 17.31
N GLY E 99 -12.67 13.71 17.49
CA GLY E 99 -13.01 14.55 16.37
C GLY E 99 -12.41 15.92 16.59
N TYR E 100 -11.58 16.06 17.62
CA TYR E 100 -11.15 17.37 18.06
C TYR E 100 -10.19 18.02 17.08
N ALA E 101 -10.39 17.83 15.79
CA ALA E 101 -9.52 18.38 14.76
C ALA E 101 -10.28 19.05 13.64
N ASP E 102 -11.57 19.26 13.81
CA ASP E 102 -12.39 19.89 12.79
C ASP E 102 -12.72 21.33 13.14
N SER E 103 -12.98 21.64 14.41
CA SER E 103 -13.45 23.00 14.75
C SER E 103 -12.28 23.98 14.82
N LYS E 104 -12.24 24.97 13.92
CA LYS E 104 -11.19 26.00 13.99
C LYS E 104 -11.35 26.76 15.30
N TRP E 105 -12.61 27.00 15.71
CA TRP E 105 -12.89 27.70 16.98
C TRP E 105 -12.30 26.90 18.14
N CYS E 106 -12.52 25.58 18.14
CA CYS E 106 -11.99 24.72 19.23
C CYS E 106 -10.45 24.73 19.19
N LEU E 107 -9.87 24.73 17.98
CA LEU E 107 -8.39 24.74 17.83
C LEU E 107 -7.84 26.03 18.44
N MET E 108 -8.52 27.16 18.22
CA MET E 108 -7.94 28.43 18.73
C MET E 108 -8.25 28.56 20.22
N GLU E 109 -9.19 27.75 20.72
CA GLU E 109 -9.55 27.87 22.13
C GLU E 109 -8.52 27.22 23.04
N LEU E 110 -8.27 25.92 22.82
CA LEU E 110 -7.24 25.21 23.57
C LEU E 110 -5.91 25.92 23.48
N ALA E 111 -5.70 26.64 22.38
CA ALA E 111 -4.51 27.47 22.27
C ALA E 111 -4.41 28.46 23.42
N GLU E 112 -5.25 29.49 23.43
CA GLU E 112 -5.25 30.46 24.50
C GLU E 112 -5.27 29.80 25.86
N ILE E 113 -5.88 28.61 25.94
CA ILE E 113 -5.74 27.79 27.14
C ILE E 113 -4.27 27.64 27.49
N VAL E 114 -3.53 26.93 26.64
CA VAL E 114 -2.14 26.63 26.97
C VAL E 114 -1.34 27.91 27.11
N ARG E 115 -1.75 28.98 26.43
CA ARG E 115 -1.01 30.23 26.55
C ARG E 115 -1.17 30.83 27.93
N ARG E 116 -2.39 31.21 28.30
CA ARG E 116 -2.56 31.82 29.60
C ARG E 116 -2.24 30.86 30.73
N GLN E 117 -2.05 29.57 30.44
CA GLN E 117 -1.47 28.71 31.48
C GLN E 117 -0.03 29.07 31.73
N GLU E 118 0.80 29.09 30.69
CA GLU E 118 2.22 29.30 30.89
C GLU E 118 2.54 30.71 31.37
N GLU E 119 1.96 31.15 32.47
CA GLU E 119 2.36 32.43 33.02
C GLU E 119 2.71 32.30 34.49
N ASP E 120 1.81 31.78 35.31
CA ASP E 120 2.09 31.54 36.71
C ASP E 120 1.62 30.14 37.07
N PRO E 121 2.49 29.14 37.01
CA PRO E 121 2.06 27.76 37.26
C PRO E 121 1.52 27.56 38.67
N ARG E 122 0.44 28.24 39.00
CA ARG E 122 -0.37 27.83 40.14
C ARG E 122 -1.70 27.24 39.67
N ARG E 123 -2.12 27.56 38.46
CA ARG E 123 -3.27 26.91 37.84
C ARG E 123 -2.78 25.78 36.95
N ILE E 124 -3.54 24.70 36.95
CA ILE E 124 -3.02 23.43 36.43
C ILE E 124 -3.91 22.83 35.36
N ILE E 125 -3.32 22.06 34.45
CA ILE E 125 -4.10 21.40 33.36
C ILE E 125 -4.41 19.95 33.78
N LEU E 126 -5.63 19.47 33.49
CA LEU E 126 -6.00 18.07 33.84
C LEU E 126 -6.62 17.36 32.61
N PRO E 127 -5.83 16.88 31.64
CA PRO E 127 -6.37 16.24 30.43
C PRO E 127 -7.02 14.87 30.67
N ILE E 128 -8.09 14.55 29.94
CA ILE E 128 -8.82 13.29 30.10
C ILE E 128 -9.11 12.80 28.68
N PHE E 129 -8.23 11.97 28.13
CA PHE E 129 -8.45 11.50 26.77
C PHE E 129 -9.72 10.67 26.70
N TYR E 130 -10.14 10.33 25.49
CA TYR E 130 -11.44 9.66 25.33
C TYR E 130 -11.42 8.85 24.04
N MET E 131 -11.66 7.54 24.17
CA MET E 131 -11.87 6.63 23.04
C MET E 131 -10.67 6.60 22.10
N VAL E 132 -10.20 7.78 21.70
CA VAL E 132 -9.10 7.89 20.76
C VAL E 132 -7.80 7.70 21.51
N ASP E 133 -6.82 7.14 20.81
CA ASP E 133 -5.64 6.63 21.47
C ASP E 133 -4.76 7.76 22.00
N PRO E 134 -4.20 7.59 23.18
CA PRO E 134 -3.26 8.57 23.71
C PRO E 134 -1.91 8.46 23.02
N SER E 135 -1.81 7.49 22.12
CA SER E 135 -0.67 7.42 21.22
C SER E 135 -0.80 8.36 20.04
N ASP E 136 -2.00 8.89 19.78
CA ASP E 136 -2.20 9.86 18.71
C ASP E 136 -2.36 11.27 19.24
N VAL E 137 -1.34 11.77 19.93
CA VAL E 137 -1.26 13.18 20.26
C VAL E 137 0.17 13.69 20.22
N ARG E 138 1.16 12.84 20.41
CA ARG E 138 2.55 13.23 20.35
C ARG E 138 3.09 13.33 18.93
N HIS E 139 2.24 13.14 17.91
CA HIS E 139 2.66 13.35 16.53
C HIS E 139 1.48 13.55 15.56
N GLN E 140 0.24 13.45 16.01
CA GLN E 140 -0.94 13.73 15.19
C GLN E 140 -1.02 12.86 13.94
N THR E 141 -1.08 11.56 14.11
CA THR E 141 -1.35 10.66 12.99
C THR E 141 -2.54 9.77 13.31
N GLY E 142 -3.10 9.16 12.28
CA GLY E 142 -4.26 8.31 12.45
C GLY E 142 -5.54 8.94 11.94
N CYS E 143 -6.38 9.39 12.85
CA CYS E 143 -7.68 9.93 12.51
C CYS E 143 -7.65 11.41 12.15
N TYR E 144 -6.52 12.08 12.33
CA TYR E 144 -6.46 13.52 12.16
C TYR E 144 -5.97 13.95 10.78
N LYS E 145 -5.34 13.06 10.03
CA LYS E 145 -4.63 13.50 8.82
C LYS E 145 -5.59 14.10 7.80
N LYS E 146 -6.69 13.43 7.51
CA LYS E 146 -7.67 14.02 6.60
C LYS E 146 -8.19 15.33 7.14
N ALA E 147 -8.22 15.49 8.47
CA ALA E 147 -8.72 16.73 9.04
C ALA E 147 -7.75 17.87 8.78
N PHE E 148 -6.49 17.71 9.19
CA PHE E 148 -5.50 18.75 8.99
C PHE E 148 -5.22 19.05 7.52
N ARG E 149 -5.09 18.03 6.67
CA ARG E 149 -4.77 18.24 5.26
C ARG E 149 -5.73 19.19 4.57
N LYS E 150 -7.04 19.01 4.78
CA LYS E 150 -8.03 19.96 4.30
C LYS E 150 -8.09 21.23 5.13
N HIS E 151 -7.79 21.15 6.44
CA HIS E 151 -7.71 22.34 7.25
C HIS E 151 -6.51 23.20 6.86
N ALA E 152 -5.48 22.60 6.28
CA ALA E 152 -4.29 23.34 5.88
C ALA E 152 -4.42 24.00 4.53
N ASN E 153 -5.43 23.65 3.75
CA ASN E 153 -5.75 24.35 2.51
C ASN E 153 -6.44 25.69 2.76
N LYS E 154 -6.73 26.01 4.02
CA LYS E 154 -7.57 27.15 4.34
C LYS E 154 -6.83 28.25 5.07
N PHE E 155 -6.51 28.06 6.35
CA PHE E 155 -6.12 29.17 7.17
C PHE E 155 -4.66 29.55 6.96
N ASP E 156 -4.02 29.99 8.04
CA ASP E 156 -2.73 30.67 7.95
C ASP E 156 -1.64 29.77 7.40
N GLY E 157 -0.43 30.33 7.36
CA GLY E 157 0.80 29.58 7.16
C GLY E 157 1.72 29.58 8.35
N GLN E 158 1.37 30.35 9.38
CA GLN E 158 2.19 30.45 10.59
C GLN E 158 1.46 30.02 11.84
N THR E 159 0.32 30.64 12.16
CA THR E 159 -0.33 30.38 13.43
C THR E 159 -0.59 28.89 13.62
N ILE E 160 -0.79 28.18 12.52
CA ILE E 160 -1.03 26.74 12.58
C ILE E 160 0.03 26.07 13.42
N GLN E 161 1.24 26.63 13.43
CA GLN E 161 2.27 26.08 14.32
C GLN E 161 1.98 26.37 15.78
N ASN E 162 1.52 27.58 16.11
CA ASN E 162 1.15 27.83 17.50
C ASN E 162 -0.10 27.08 17.90
N TRP E 163 -0.73 26.36 16.98
CA TRP E 163 -1.75 25.40 17.40
C TRP E 163 -1.16 24.02 17.58
N LYS E 164 -0.42 23.55 16.57
CA LYS E 164 0.18 22.23 16.63
C LYS E 164 1.04 22.07 17.86
N ASP E 165 1.81 23.09 18.21
CA ASP E 165 2.63 23.05 19.42
C ASP E 165 1.81 22.83 20.68
N ALA E 166 0.68 23.52 20.81
CA ALA E 166 -0.17 23.32 21.98
C ALA E 166 -0.76 21.93 22.02
N LEU E 167 -1.32 21.46 20.91
CA LEU E 167 -1.85 20.10 20.91
C LEU E 167 -0.75 19.09 21.18
N LYS E 168 0.50 19.46 20.95
CA LYS E 168 1.60 18.61 21.41
C LYS E 168 1.65 18.59 22.93
N LYS E 169 1.68 19.77 23.56
CA LYS E 169 1.99 19.84 24.97
C LYS E 169 0.83 19.44 25.86
N VAL E 170 0.07 18.41 25.49
CA VAL E 170 -0.80 17.80 26.48
C VAL E 170 -0.43 16.34 26.70
N GLY E 171 0.01 15.67 25.63
CA GLY E 171 0.25 14.25 25.68
C GLY E 171 1.33 13.79 26.63
N ASP E 172 1.78 14.70 27.49
CA ASP E 172 2.69 14.35 28.55
C ASP E 172 2.10 14.53 29.92
N LEU E 173 1.29 15.55 30.14
CA LEU E 173 0.81 15.76 31.49
C LEU E 173 -0.22 14.68 31.83
N LYS E 174 -0.47 14.51 33.12
CA LYS E 174 -1.08 13.27 33.60
C LYS E 174 -2.45 13.07 32.98
N GLY E 175 -2.94 11.84 33.04
CA GLY E 175 -4.13 11.55 32.28
C GLY E 175 -4.92 10.29 32.54
N TRP E 176 -6.00 10.41 33.30
CA TRP E 176 -7.08 9.44 33.30
C TRP E 176 -7.31 8.99 31.87
N HIS E 177 -7.00 7.75 31.55
CA HIS E 177 -7.38 7.27 30.24
C HIS E 177 -8.66 6.44 30.36
N ILE E 178 -9.69 6.86 29.63
CA ILE E 178 -10.99 6.20 29.63
C ILE E 178 -11.21 5.64 28.25
N GLY E 179 -10.99 4.35 28.08
CA GLY E 179 -11.21 3.74 26.80
C GLY E 179 -12.69 3.56 26.55
N LYS E 180 -12.98 2.98 25.38
CA LYS E 180 -14.34 2.70 24.95
C LYS E 180 -14.94 1.50 25.68
N ASP E 181 -14.15 0.80 26.48
CA ASP E 181 -14.63 -0.40 27.12
C ASP E 181 -14.81 -0.27 28.62
N ASP E 182 -13.85 0.33 29.33
CA ASP E 182 -13.98 0.50 30.76
C ASP E 182 -15.26 1.25 31.09
N GLU E 183 -15.71 1.14 32.33
CA GLU E 183 -17.01 1.67 32.70
C GLU E 183 -17.02 3.18 32.54
N GLN E 184 -17.76 3.66 31.55
CA GLN E 184 -17.74 5.06 31.14
C GLN E 184 -18.52 5.97 32.09
N GLY E 185 -18.56 5.62 33.36
CA GLY E 185 -19.37 6.39 34.28
C GLY E 185 -18.69 6.74 35.58
N ALA E 186 -18.67 5.79 36.53
CA ALA E 186 -18.21 6.10 37.88
C ALA E 186 -16.77 6.61 37.89
N ILE E 187 -16.06 6.49 36.77
CA ILE E 187 -14.85 7.29 36.62
C ILE E 187 -15.16 8.75 36.87
N ALA E 188 -16.41 9.16 36.60
CA ALA E 188 -16.88 10.46 37.06
C ALA E 188 -16.68 10.60 38.56
N ASP E 189 -17.10 9.61 39.34
CA ASP E 189 -16.81 9.67 40.76
C ASP E 189 -15.34 9.88 41.00
N LYS E 190 -14.51 8.96 40.53
CA LYS E 190 -13.09 9.05 40.83
C LYS E 190 -12.52 10.39 40.40
N VAL E 191 -13.09 11.01 39.35
CA VAL E 191 -12.52 12.23 38.79
C VAL E 191 -13.06 13.49 39.44
N SER E 192 -14.18 13.44 40.13
CA SER E 192 -14.61 14.64 40.81
C SER E 192 -13.85 14.84 42.11
N ALA E 193 -13.90 13.85 42.99
CA ALA E 193 -13.26 13.97 44.29
C ALA E 193 -11.88 14.57 44.18
N ASP E 194 -11.13 14.15 43.15
CA ASP E 194 -9.83 14.77 42.96
C ASP E 194 -9.94 16.27 42.76
N ILE E 195 -10.72 16.73 41.78
CA ILE E 195 -10.83 18.17 41.57
C ILE E 195 -11.30 18.86 42.84
N TRP E 196 -11.94 18.15 43.74
CA TRP E 196 -12.20 18.74 45.04
C TRP E 196 -10.92 18.86 45.84
N SER E 197 -10.10 17.81 45.84
CA SER E 197 -8.90 17.78 46.65
C SER E 197 -8.02 18.99 46.41
N HIS E 198 -7.66 19.27 45.16
CA HIS E 198 -6.78 20.39 44.86
C HIS E 198 -7.40 21.73 45.21
N ILE E 199 -8.54 21.75 45.90
CA ILE E 199 -9.19 22.98 46.32
C ILE E 199 -9.35 23.03 47.83
N SER E 200 -9.78 21.91 48.43
CA SER E 200 -10.12 21.93 49.86
C SER E 200 -8.92 22.34 50.71
N LYS E 201 -7.84 21.57 50.67
CA LYS E 201 -6.72 21.84 51.56
C LYS E 201 -5.84 22.97 51.08
N GLU E 202 -5.56 23.04 49.78
CA GLU E 202 -4.61 23.99 49.22
C GLU E 202 -3.22 23.75 49.81
N VAL F 33 -2.64 -5.31 -40.13
CA VAL F 33 -1.99 -5.33 -38.83
C VAL F 33 -2.48 -4.17 -37.98
N GLU F 34 -2.66 -3.01 -38.60
CA GLU F 34 -3.16 -1.85 -37.88
C GLU F 34 -4.65 -1.99 -37.64
N TYR F 35 -5.06 -1.76 -36.40
CA TYR F 35 -6.47 -1.85 -36.07
C TYR F 35 -7.22 -0.64 -36.62
N ASP F 36 -8.48 -0.51 -36.22
CA ASP F 36 -9.30 0.61 -36.64
C ASP F 36 -10.11 1.24 -35.53
N VAL F 37 -9.96 0.82 -34.28
CA VAL F 37 -10.81 1.27 -33.20
C VAL F 37 -10.01 1.37 -31.93
N PHE F 38 -9.89 2.57 -31.39
CA PHE F 38 -9.21 2.80 -30.13
C PHE F 38 -10.24 2.60 -29.02
N LEU F 39 -9.79 2.67 -27.77
CA LEU F 39 -10.67 2.60 -26.62
C LEU F 39 -10.01 3.24 -25.41
N SER F 40 -10.70 3.17 -24.27
CA SER F 40 -10.16 3.74 -22.99
C SER F 40 -11.13 3.33 -21.86
N PHE F 41 -10.63 3.22 -20.62
CA PHE F 41 -11.50 2.75 -19.50
C PHE F 41 -11.02 3.34 -18.16
N ARG F 42 -11.85 3.23 -17.12
CA ARG F 42 -11.44 3.69 -15.76
C ARG F 42 -10.45 2.66 -15.18
N GLY F 43 -10.91 1.44 -14.91
CA GLY F 43 -10.03 0.43 -14.37
C GLY F 43 -10.78 -0.61 -13.57
N PRO F 44 -10.79 -0.47 -12.28
CA PRO F 44 -11.38 -1.50 -11.44
C PRO F 44 -12.87 -1.34 -11.22
N ASP F 45 -13.58 -0.71 -12.15
CA ASP F 45 -15.03 -0.68 -11.99
C ASP F 45 -15.74 -0.76 -13.33
N THR F 46 -15.04 -1.15 -14.38
CA THR F 46 -15.68 -1.56 -15.62
C THR F 46 -14.71 -2.39 -16.46
N ARG F 47 -13.74 -3.01 -15.79
CA ARG F 47 -12.94 -4.06 -16.38
C ARG F 47 -13.65 -5.42 -16.32
N LYS F 48 -14.97 -5.42 -16.25
CA LYS F 48 -15.71 -6.67 -16.12
C LYS F 48 -16.96 -6.70 -16.97
N GLN F 49 -18.11 -6.35 -16.39
CA GLN F 49 -19.40 -6.65 -17.02
C GLN F 49 -19.53 -6.07 -18.41
N PHE F 50 -19.26 -4.78 -18.57
CA PHE F 50 -19.44 -4.11 -19.85
C PHE F 50 -18.28 -4.29 -20.81
N THR F 51 -17.26 -3.42 -20.69
CA THR F 51 -16.19 -3.32 -21.67
C THR F 51 -15.86 -4.66 -22.32
N ASP F 52 -15.43 -5.63 -21.52
CA ASP F 52 -14.84 -6.85 -22.06
C ASP F 52 -15.75 -7.48 -23.11
N PHE F 53 -17.04 -7.59 -22.80
CA PHE F 53 -18.03 -7.94 -23.80
C PHE F 53 -17.79 -7.20 -25.10
N LEU F 54 -17.84 -5.88 -25.08
CA LEU F 54 -17.68 -5.07 -26.26
C LEU F 54 -16.43 -5.45 -27.04
N TYR F 55 -15.32 -5.70 -26.35
CA TYR F 55 -14.10 -6.06 -27.05
C TYR F 55 -14.28 -7.38 -27.78
N HIS F 56 -14.71 -8.42 -27.06
CA HIS F 56 -14.87 -9.72 -27.73
C HIS F 56 -15.95 -9.64 -28.79
N PHE F 57 -17.09 -9.05 -28.45
CA PHE F 57 -18.16 -8.90 -29.40
C PHE F 57 -17.67 -8.23 -30.68
N LEU F 58 -16.87 -7.19 -30.55
CA LEU F 58 -16.34 -6.53 -31.73
C LEU F 58 -15.45 -7.47 -32.52
N CYS F 59 -14.50 -8.13 -31.85
CA CYS F 59 -13.66 -9.07 -32.57
C CYS F 59 -14.49 -10.05 -33.38
N TYR F 60 -15.69 -10.35 -32.91
CA TYR F 60 -16.56 -11.24 -33.67
C TYR F 60 -17.18 -10.58 -34.88
N TYR F 61 -16.38 -9.98 -35.75
CA TYR F 61 -16.91 -9.33 -36.93
C TYR F 61 -15.85 -9.11 -38.01
N LYS F 62 -14.62 -9.56 -37.79
CA LYS F 62 -13.49 -9.27 -38.66
C LYS F 62 -13.29 -7.75 -38.78
N ILE F 63 -13.09 -7.15 -37.61
CA ILE F 63 -12.74 -5.75 -37.49
C ILE F 63 -11.56 -5.64 -36.52
N HIS F 64 -10.39 -6.07 -36.99
CA HIS F 64 -9.22 -6.22 -36.13
C HIS F 64 -9.03 -4.97 -35.28
N THR F 65 -8.84 -5.16 -33.98
CA THR F 65 -9.01 -4.09 -32.99
C THR F 65 -7.83 -4.04 -32.03
N PHE F 66 -7.90 -3.10 -31.10
CA PHE F 66 -6.88 -2.86 -30.08
C PHE F 66 -7.62 -2.50 -28.81
N ARG F 67 -6.92 -2.42 -27.70
CA ARG F 67 -7.47 -1.80 -26.50
C ARG F 67 -6.38 -1.49 -25.52
N ASP F 68 -6.78 -0.85 -24.42
CA ASP F 68 -5.91 -0.67 -23.27
C ASP F 68 -5.82 -2.01 -22.56
N ASP F 69 -4.70 -2.27 -21.90
CA ASP F 69 -4.44 -3.57 -21.32
C ASP F 69 -3.50 -3.55 -20.13
N ASP F 70 -2.31 -2.97 -20.27
CA ASP F 70 -1.28 -3.08 -19.27
C ASP F 70 -1.69 -2.39 -17.96
N GLU F 71 -1.46 -3.06 -16.84
CA GLU F 71 -1.49 -2.42 -15.53
C GLU F 71 -0.17 -1.74 -15.21
N LEU F 72 0.28 -0.84 -16.07
CA LEU F 72 1.67 -0.41 -16.13
C LEU F 72 2.03 0.70 -15.15
N ARG F 73 1.24 1.78 -15.14
CA ARG F 73 1.55 2.99 -14.37
C ARG F 73 2.81 3.67 -14.88
N LYS F 74 3.63 2.95 -15.64
CA LYS F 74 4.96 3.43 -16.03
C LYS F 74 4.90 4.74 -16.81
N GLY F 75 5.70 5.71 -16.38
CA GLY F 75 5.83 6.98 -17.07
C GLY F 75 4.63 7.88 -16.82
N LYS F 76 4.77 9.13 -17.23
CA LYS F 76 3.65 10.06 -17.31
C LYS F 76 3.29 10.41 -18.74
N GLU F 77 4.14 10.01 -19.69
CA GLU F 77 3.79 10.05 -21.11
C GLU F 77 4.62 8.99 -21.83
N ILE F 78 4.00 7.82 -22.06
CA ILE F 78 4.66 6.76 -22.80
C ILE F 78 4.35 6.89 -24.29
N GLY F 79 5.40 6.80 -25.10
CA GLY F 79 5.28 7.04 -26.51
C GLY F 79 5.01 5.82 -27.35
N PRO F 80 6.02 4.93 -27.47
CA PRO F 80 6.00 3.91 -28.53
C PRO F 80 4.95 2.81 -28.37
N ASN F 81 3.75 3.16 -27.90
CA ASN F 81 2.63 2.24 -27.90
C ASN F 81 1.38 3.07 -28.11
N LEU F 82 0.82 3.67 -27.06
CA LEU F 82 -0.28 4.61 -27.23
C LEU F 82 0.06 5.65 -28.28
N LEU F 83 1.10 6.45 -28.02
CA LEU F 83 1.38 7.57 -28.90
C LEU F 83 1.74 7.13 -30.32
N ARG F 84 1.81 5.82 -30.56
CA ARG F 84 1.80 5.31 -31.93
C ARG F 84 0.37 5.05 -32.40
N ALA F 85 -0.42 4.36 -31.58
CA ALA F 85 -1.74 3.93 -32.02
C ALA F 85 -2.73 5.09 -32.11
N ILE F 86 -2.63 6.07 -31.22
CA ILE F 86 -3.54 7.21 -31.22
C ILE F 86 -3.59 7.83 -32.60
N ASP F 87 -2.50 8.46 -33.00
CA ASP F 87 -2.45 8.97 -34.36
C ASP F 87 -2.35 7.85 -35.39
N GLN F 88 -2.43 6.59 -34.96
CA GLN F 88 -2.75 5.54 -35.91
C GLN F 88 -4.21 5.15 -35.89
N SER F 89 -5.04 5.82 -35.08
CA SER F 89 -6.44 5.41 -34.93
C SER F 89 -7.27 5.78 -36.16
N LYS F 90 -8.59 5.67 -36.01
CA LYS F 90 -9.55 6.09 -37.04
C LYS F 90 -10.92 6.40 -36.47
N ILE F 91 -11.33 5.75 -35.38
CA ILE F 91 -12.62 6.01 -34.72
C ILE F 91 -12.36 5.99 -33.22
N TYR F 92 -12.94 6.94 -32.50
CA TYR F 92 -12.72 7.01 -31.07
C TYR F 92 -14.00 6.68 -30.33
N VAL F 93 -13.90 5.96 -29.23
CA VAL F 93 -15.11 5.51 -28.53
C VAL F 93 -14.83 5.38 -27.04
N PRO F 94 -14.46 6.44 -26.36
CA PRO F 94 -14.24 6.34 -24.91
C PRO F 94 -15.53 5.94 -24.20
N ILE F 95 -15.38 5.58 -22.93
CA ILE F 95 -16.47 5.03 -22.14
C ILE F 95 -16.43 5.62 -20.75
N ILE F 96 -17.00 6.80 -20.57
CA ILE F 96 -16.96 7.47 -19.28
C ILE F 96 -17.62 6.59 -18.22
N SER F 97 -17.43 6.94 -16.95
CA SER F 97 -18.08 6.27 -15.83
C SER F 97 -18.43 7.31 -14.78
N SER F 98 -18.66 6.84 -13.56
CA SER F 98 -18.93 7.74 -12.45
C SER F 98 -17.69 8.06 -11.62
N GLY F 99 -16.52 7.65 -12.08
CA GLY F 99 -15.29 8.00 -11.40
C GLY F 99 -14.20 8.38 -12.38
N TYR F 100 -14.60 8.76 -13.60
CA TYR F 100 -13.63 8.99 -14.66
C TYR F 100 -12.71 10.15 -14.40
N ALA F 101 -12.84 10.83 -13.26
CA ALA F 101 -11.98 11.96 -12.97
C ALA F 101 -10.71 11.57 -12.25
N ASP F 102 -10.71 10.45 -11.53
CA ASP F 102 -9.60 10.05 -10.69
C ASP F 102 -8.30 9.94 -11.46
N SER F 103 -8.36 9.84 -12.79
CA SER F 103 -7.18 9.53 -13.59
C SER F 103 -6.19 10.69 -13.57
N LYS F 104 -5.00 10.43 -13.03
CA LYS F 104 -3.83 11.27 -13.28
C LYS F 104 -3.28 11.05 -14.68
N TRP F 105 -3.96 10.24 -15.49
CA TRP F 105 -3.30 9.57 -16.60
C TRP F 105 -4.25 9.38 -17.77
N CYS F 106 -5.23 8.49 -17.61
CA CYS F 106 -6.24 8.33 -18.65
C CYS F 106 -6.93 9.67 -18.92
N LEU F 107 -6.94 10.56 -17.94
CA LEU F 107 -7.52 11.88 -18.15
C LEU F 107 -6.81 12.59 -19.27
N MET F 108 -5.48 12.70 -19.19
CA MET F 108 -4.76 13.35 -20.26
C MET F 108 -4.82 12.53 -21.53
N GLU F 109 -4.99 11.22 -21.42
CA GLU F 109 -5.23 10.43 -22.62
C GLU F 109 -6.45 10.95 -23.37
N LEU F 110 -7.55 11.13 -22.64
CA LEU F 110 -8.74 11.77 -23.19
C LEU F 110 -8.40 13.13 -23.76
N ALA F 111 -7.58 13.90 -23.04
CA ALA F 111 -7.13 15.18 -23.53
C ALA F 111 -6.43 15.05 -24.87
N GLU F 112 -5.34 14.29 -24.93
CA GLU F 112 -4.66 14.01 -26.19
C GLU F 112 -5.63 13.68 -27.30
N ILE F 113 -6.62 12.84 -27.01
CA ILE F 113 -7.63 12.51 -28.00
C ILE F 113 -8.30 13.78 -28.51
N VAL F 114 -9.10 14.42 -27.65
CA VAL F 114 -9.93 15.51 -28.11
C VAL F 114 -9.11 16.57 -28.84
N ARG F 115 -7.88 16.79 -28.41
CA ARG F 115 -7.03 17.71 -29.15
C ARG F 115 -6.78 17.19 -30.56
N ARG F 116 -6.10 16.05 -30.69
CA ARG F 116 -5.70 15.61 -32.01
C ARG F 116 -6.89 15.40 -32.93
N GLN F 117 -8.07 15.11 -32.39
CA GLN F 117 -9.25 15.07 -33.23
C GLN F 117 -9.44 16.38 -33.98
N GLU F 118 -9.13 17.50 -33.32
CA GLU F 118 -9.35 18.80 -33.95
C GLU F 118 -8.52 19.00 -35.19
N GLU F 119 -7.44 18.23 -35.36
CA GLU F 119 -6.57 18.48 -36.51
C GLU F 119 -7.23 18.06 -37.81
N ASP F 120 -7.66 16.80 -37.90
CA ASP F 120 -8.21 16.27 -39.14
C ASP F 120 -9.64 15.80 -38.94
N PRO F 121 -10.62 16.69 -39.03
CA PRO F 121 -12.02 16.27 -38.83
C PRO F 121 -12.54 15.31 -39.89
N ARG F 122 -11.73 14.34 -40.28
CA ARG F 122 -12.22 13.24 -41.10
C ARG F 122 -12.48 12.00 -40.26
N ARG F 123 -12.23 12.06 -38.96
CA ARG F 123 -12.51 10.98 -38.03
C ARG F 123 -13.27 11.53 -36.83
N ILE F 124 -14.20 10.73 -36.34
CA ILE F 124 -15.20 11.24 -35.40
C ILE F 124 -15.17 10.45 -34.10
N ILE F 125 -15.86 10.95 -33.08
CA ILE F 125 -16.03 10.22 -31.82
C ILE F 125 -17.47 9.81 -31.71
N LEU F 126 -17.79 9.02 -30.68
CA LEU F 126 -19.12 8.45 -30.49
C LEU F 126 -19.28 7.97 -29.06
N PRO F 127 -18.99 8.80 -28.09
CA PRO F 127 -18.97 8.31 -26.72
C PRO F 127 -20.37 7.93 -26.27
N ILE F 128 -20.42 6.98 -25.34
CA ILE F 128 -21.67 6.51 -24.75
C ILE F 128 -21.53 6.68 -23.25
N PHE F 129 -22.23 7.67 -22.69
CA PHE F 129 -22.24 7.87 -21.26
C PHE F 129 -22.60 6.57 -20.57
N TYR F 130 -22.35 6.52 -19.26
CA TYR F 130 -22.56 5.27 -18.54
C TYR F 130 -23.12 5.59 -17.18
N MET F 131 -24.29 5.03 -16.88
CA MET F 131 -24.89 5.06 -15.56
C MET F 131 -25.16 6.46 -15.04
N VAL F 132 -24.23 7.39 -15.23
CA VAL F 132 -24.44 8.75 -14.77
C VAL F 132 -24.97 9.57 -15.94
N ASP F 133 -25.75 10.60 -15.60
CA ASP F 133 -26.45 11.35 -16.61
C ASP F 133 -25.49 12.23 -17.40
N PRO F 134 -25.81 12.55 -18.64
CA PRO F 134 -24.95 13.44 -19.40
C PRO F 134 -25.35 14.88 -19.18
N SER F 135 -25.50 15.24 -17.92
CA SER F 135 -25.68 16.62 -17.52
C SER F 135 -24.76 17.05 -16.40
N ASP F 136 -24.94 16.53 -15.19
CA ASP F 136 -24.01 16.73 -14.09
C ASP F 136 -22.58 16.39 -14.50
N VAL F 137 -22.40 15.72 -15.63
CA VAL F 137 -21.08 15.41 -16.13
C VAL F 137 -20.67 16.26 -17.32
N ARG F 138 -21.26 17.44 -17.52
CA ARG F 138 -20.74 18.36 -18.52
C ARG F 138 -20.37 19.72 -17.95
N HIS F 139 -20.46 19.89 -16.64
CA HIS F 139 -20.02 21.14 -16.02
C HIS F 139 -19.28 20.87 -14.72
N GLN F 140 -18.75 19.67 -14.53
CA GLN F 140 -17.98 19.30 -13.35
C GLN F 140 -18.71 19.57 -12.05
N THR F 141 -20.00 19.29 -12.01
CA THR F 141 -20.74 19.31 -10.76
C THR F 141 -21.22 17.90 -10.41
N GLY F 142 -22.12 17.83 -9.43
CA GLY F 142 -22.59 16.54 -8.97
C GLY F 142 -21.47 15.72 -8.36
N CYS F 143 -21.68 14.41 -8.24
CA CYS F 143 -20.71 13.51 -7.62
C CYS F 143 -19.41 13.45 -8.40
N TYR F 144 -19.25 14.30 -9.41
CA TYR F 144 -18.07 14.33 -10.25
C TYR F 144 -17.08 15.40 -9.81
N LYS F 145 -17.56 16.48 -9.21
CA LYS F 145 -16.68 17.62 -8.87
C LYS F 145 -15.60 17.22 -7.89
N LYS F 146 -16.02 16.69 -6.73
CA LYS F 146 -15.08 16.50 -5.62
C LYS F 146 -13.88 15.66 -6.03
N ALA F 147 -14.01 14.86 -7.09
CA ALA F 147 -12.84 14.17 -7.62
C ALA F 147 -11.96 15.13 -8.40
N PHE F 148 -12.56 16.00 -9.19
CA PHE F 148 -11.77 16.94 -9.95
C PHE F 148 -11.04 17.94 -9.07
N ARG F 149 -11.70 18.49 -8.05
CA ARG F 149 -11.02 19.40 -7.13
C ARG F 149 -9.85 18.72 -6.41
N LYS F 150 -9.97 17.44 -6.09
CA LYS F 150 -8.83 16.65 -5.65
C LYS F 150 -7.77 16.54 -6.71
N HIS F 151 -8.16 16.46 -7.98
CA HIS F 151 -7.17 16.46 -9.04
C HIS F 151 -7.09 17.80 -9.77
N ALA F 152 -7.46 18.91 -9.12
CA ALA F 152 -7.25 20.25 -9.63
C ALA F 152 -6.16 21.01 -8.89
N ASN F 153 -6.11 20.90 -7.57
CA ASN F 153 -5.09 21.53 -6.74
C ASN F 153 -3.73 20.84 -6.85
N LYS F 154 -3.63 19.78 -7.63
CA LYS F 154 -2.50 18.87 -7.51
C LYS F 154 -1.34 19.24 -8.40
N PHE F 155 -1.59 19.85 -9.56
CA PHE F 155 -0.50 20.02 -10.50
C PHE F 155 -0.48 21.43 -11.09
N ASP F 156 -0.34 21.49 -12.42
CA ASP F 156 -0.17 22.75 -13.11
C ASP F 156 -1.43 23.61 -13.00
N GLY F 157 -1.31 24.68 -12.20
CA GLY F 157 -2.41 25.56 -11.91
C GLY F 157 -3.13 26.13 -13.11
N GLN F 158 -2.55 26.00 -14.29
CA GLN F 158 -3.24 26.32 -15.54
C GLN F 158 -3.84 25.11 -16.22
N THR F 159 -3.26 23.93 -16.04
CA THR F 159 -3.63 22.80 -16.88
C THR F 159 -5.04 22.30 -16.55
N ILE F 160 -5.54 22.63 -15.36
CA ILE F 160 -6.88 22.19 -14.99
C ILE F 160 -7.90 22.74 -15.97
N GLN F 161 -7.72 24.00 -16.37
CA GLN F 161 -8.55 24.55 -17.44
C GLN F 161 -8.40 23.77 -18.73
N ASN F 162 -7.18 23.31 -19.03
CA ASN F 162 -6.99 22.51 -20.22
C ASN F 162 -7.76 21.20 -20.18
N TRP F 163 -7.84 20.56 -19.00
CA TRP F 163 -8.59 19.32 -18.89
C TRP F 163 -10.09 19.58 -18.97
N LYS F 164 -10.58 20.60 -18.27
CA LYS F 164 -12.01 20.88 -18.32
C LYS F 164 -12.46 21.25 -19.73
N ASP F 165 -11.71 22.14 -20.39
CA ASP F 165 -12.01 22.50 -21.78
C ASP F 165 -11.75 21.36 -22.73
N ALA F 166 -11.24 20.24 -22.24
CA ALA F 166 -11.19 19.01 -23.02
C ALA F 166 -12.42 18.15 -22.81
N LEU F 167 -12.81 17.95 -21.55
CA LEU F 167 -14.00 17.17 -21.27
C LEU F 167 -15.24 17.82 -21.87
N LYS F 168 -15.26 19.15 -21.94
CA LYS F 168 -16.48 19.83 -22.33
C LYS F 168 -16.92 19.45 -23.75
N LYS F 169 -15.98 19.40 -24.69
CA LYS F 169 -16.37 19.24 -26.09
C LYS F 169 -17.07 17.91 -26.34
N VAL F 170 -16.89 16.93 -25.47
CA VAL F 170 -17.45 15.61 -25.76
C VAL F 170 -18.97 15.61 -25.61
N GLY F 171 -19.47 16.09 -24.47
CA GLY F 171 -20.84 15.83 -24.09
C GLY F 171 -21.91 16.43 -24.97
N ASP F 172 -21.60 16.61 -26.24
CA ASP F 172 -22.59 17.09 -27.19
C ASP F 172 -22.91 16.08 -28.28
N LEU F 173 -21.92 15.36 -28.79
CA LEU F 173 -22.18 14.50 -29.93
C LEU F 173 -23.09 13.36 -29.51
N LYS F 174 -23.97 12.96 -30.42
CA LYS F 174 -25.04 12.07 -30.04
C LYS F 174 -24.48 10.72 -29.58
N GLY F 175 -25.23 10.06 -28.71
CA GLY F 175 -24.72 8.85 -28.14
C GLY F 175 -25.74 8.00 -27.42
N TRP F 176 -25.66 6.70 -27.59
CA TRP F 176 -26.63 5.81 -26.99
C TRP F 176 -26.36 5.72 -25.51
N HIS F 177 -26.90 6.64 -24.75
CA HIS F 177 -26.74 6.62 -23.30
C HIS F 177 -27.35 5.34 -22.74
N ILE F 178 -26.76 4.85 -21.66
CA ILE F 178 -27.16 3.58 -21.03
C ILE F 178 -27.50 3.87 -19.58
N GLY F 179 -28.61 3.32 -19.12
CA GLY F 179 -28.97 3.46 -17.72
C GLY F 179 -28.89 2.13 -16.99
N LYS F 180 -29.65 2.06 -15.91
CA LYS F 180 -29.71 0.88 -15.07
C LYS F 180 -30.37 -0.31 -15.74
N ASP F 181 -31.20 -0.08 -16.75
CA ASP F 181 -32.06 -1.15 -17.23
C ASP F 181 -31.80 -1.57 -18.66
N ASP F 182 -31.56 -0.61 -19.57
CA ASP F 182 -31.37 -0.94 -20.98
C ASP F 182 -30.44 -2.14 -21.09
N GLU F 183 -30.96 -3.21 -21.68
CA GLU F 183 -30.32 -4.51 -21.59
C GLU F 183 -28.93 -4.47 -22.21
N GLN F 184 -27.91 -4.83 -21.44
CA GLN F 184 -26.52 -4.70 -21.84
C GLN F 184 -26.19 -5.56 -23.05
N GLY F 185 -27.14 -6.36 -23.50
CA GLY F 185 -26.95 -7.08 -24.74
C GLY F 185 -27.24 -6.23 -25.94
N ALA F 186 -28.53 -5.87 -26.11
CA ALA F 186 -28.98 -5.14 -27.28
C ALA F 186 -28.07 -3.96 -27.59
N ILE F 187 -27.71 -3.16 -26.59
CA ILE F 187 -26.91 -1.98 -26.83
C ILE F 187 -25.60 -2.37 -27.52
N ALA F 188 -24.99 -3.46 -27.07
CA ALA F 188 -23.80 -3.94 -27.75
C ALA F 188 -24.07 -4.14 -29.24
N ASP F 189 -25.15 -4.85 -29.57
CA ASP F 189 -25.45 -5.05 -30.98
C ASP F 189 -25.60 -3.73 -31.71
N LYS F 190 -26.45 -2.84 -31.19
CA LYS F 190 -26.74 -1.60 -31.89
C LYS F 190 -25.47 -0.77 -32.06
N VAL F 191 -24.51 -0.92 -31.14
CA VAL F 191 -23.22 -0.25 -31.33
C VAL F 191 -22.35 -0.99 -32.31
N SER F 192 -22.60 -2.27 -32.53
CA SER F 192 -21.80 -2.98 -33.50
C SER F 192 -22.06 -2.49 -34.93
N ALA F 193 -23.18 -2.93 -35.51
CA ALA F 193 -23.46 -2.64 -36.92
C ALA F 193 -23.26 -1.17 -37.23
N ASP F 194 -23.59 -0.30 -36.28
CA ASP F 194 -23.28 1.11 -36.47
C ASP F 194 -21.78 1.31 -36.67
N ILE F 195 -20.95 0.91 -35.71
CA ILE F 195 -19.52 1.00 -35.89
C ILE F 195 -19.10 0.44 -37.23
N TRP F 196 -19.79 -0.58 -37.71
CA TRP F 196 -19.47 -1.15 -39.00
C TRP F 196 -19.74 -0.16 -40.13
N SER F 197 -20.91 0.47 -40.12
CA SER F 197 -21.35 1.31 -41.23
C SER F 197 -20.33 2.38 -41.60
N HIS F 198 -19.77 3.07 -40.62
CA HIS F 198 -18.79 4.11 -40.88
C HIS F 198 -17.41 3.55 -41.21
N ILE F 199 -17.31 2.25 -41.48
CA ILE F 199 -16.06 1.62 -41.88
C ILE F 199 -16.20 0.92 -43.23
N SER F 200 -17.14 -0.01 -43.34
CA SER F 200 -17.27 -0.77 -44.58
C SER F 200 -17.77 0.12 -45.70
N LYS F 201 -18.81 0.92 -45.45
CA LYS F 201 -19.51 1.56 -46.55
C LYS F 201 -19.45 3.08 -46.50
N GLU F 202 -19.25 3.68 -45.33
CA GLU F 202 -19.18 5.14 -45.20
C GLU F 202 -20.43 5.83 -45.74
#